data_8OSY
#
_entry.id   8OSY
#
_cell.length_a   148.149
_cell.length_b   148.149
_cell.length_c   119.954
_cell.angle_alpha   90.000
_cell.angle_beta   90.000
_cell.angle_gamma   120.000
#
_symmetry.space_group_name_H-M   'H 3'
#
loop_
_entity.id
_entity.type
_entity.pdbx_description
1 polymer 'Dihydrolipoyllysine-residue acetyltransferase component of pyruvate dehydrogenase complex'
2 water water
#
_entity_poly.entity_id   1
_entity_poly.type   'polypeptide(L)'
_entity_poly.pdbx_seq_one_letter_code
;GIPGMLPWPKVDFSKFGEIEEVELGRIQKISGANLSRNWVMIPHVTHFDKTDITELEAFRKQQNEEAAKRKLDVKITPVV
FIMKAVAAALEQMPRFNSSLSEDGQRLTLKKYINIGVAVDTPNGLVVPVFKDVNKKGIIELSRELMTISKKARDGKLTAG
EMQGGCFTISSIGGLGTTHFAPIVNAPEVAILGVSKSAMEPVWNGKEFVPRLMLPISLSFDHRVIDGADGARFITIINNT
LSDIRRL
;
_entity_poly.pdbx_strand_id   A,B,C,D
#
# COMPACT_ATOMS: atom_id res chain seq x y z
N PRO A 3 -10.81 -20.67 -16.45
CA PRO A 3 -12.15 -20.42 -15.93
C PRO A 3 -12.34 -18.94 -15.55
N GLY A 4 -13.54 -18.41 -15.78
CA GLY A 4 -13.78 -17.01 -15.50
C GLY A 4 -13.73 -16.68 -14.02
N MET A 5 -13.54 -15.40 -13.74
CA MET A 5 -13.38 -14.94 -12.36
C MET A 5 -14.74 -14.83 -11.68
N LEU A 6 -14.81 -15.32 -10.45
CA LEU A 6 -16.02 -15.19 -9.65
C LEU A 6 -16.31 -13.72 -9.39
N PRO A 7 -17.58 -13.32 -9.34
CA PRO A 7 -17.89 -11.93 -9.00
C PRO A 7 -17.58 -11.61 -7.54
N TRP A 8 -17.32 -10.33 -7.29
CA TRP A 8 -17.14 -9.85 -5.92
C TRP A 8 -18.36 -10.23 -5.08
N PRO A 9 -18.17 -10.57 -3.81
CA PRO A 9 -19.31 -11.05 -3.00
C PRO A 9 -20.39 -9.98 -2.87
N LYS A 10 -21.63 -10.38 -3.12
CA LYS A 10 -22.79 -9.51 -2.99
C LYS A 10 -23.50 -9.93 -1.70
N VAL A 11 -23.21 -9.23 -0.61
CA VAL A 11 -23.74 -9.57 0.70
C VAL A 11 -24.57 -8.40 1.21
N ASP A 12 -25.77 -8.71 1.69
CA ASP A 12 -26.56 -7.76 2.46
C ASP A 12 -26.02 -7.76 3.88
N PHE A 13 -25.14 -6.79 4.16
CA PHE A 13 -24.53 -6.71 5.48
C PHE A 13 -25.52 -6.27 6.55
N SER A 14 -26.61 -5.59 6.15
CA SER A 14 -27.63 -5.17 7.10
C SER A 14 -28.29 -6.36 7.78
N LYS A 15 -28.27 -7.55 7.18
CA LYS A 15 -28.77 -8.75 7.83
C LYS A 15 -28.04 -9.06 9.13
N PHE A 16 -26.84 -8.55 9.33
CA PHE A 16 -26.04 -8.87 10.51
C PHE A 16 -26.01 -7.73 11.52
N GLY A 17 -26.53 -6.55 11.17
CA GLY A 17 -26.61 -5.46 12.10
C GLY A 17 -26.46 -4.13 11.37
N GLU A 18 -26.20 -3.09 12.16
CA GLU A 18 -26.13 -1.74 11.63
C GLU A 18 -24.93 -1.56 10.71
N ILE A 19 -25.11 -0.77 9.67
CA ILE A 19 -24.03 -0.42 8.75
C ILE A 19 -24.12 1.06 8.40
N GLU A 20 -23.01 1.58 7.86
CA GLU A 20 -22.95 2.95 7.37
C GLU A 20 -22.07 2.95 6.13
N GLU A 21 -22.66 3.26 4.98
CA GLU A 21 -21.93 3.22 3.72
C GLU A 21 -21.45 4.63 3.37
N VAL A 22 -20.14 4.81 3.35
CA VAL A 22 -19.54 6.11 3.09
C VAL A 22 -18.75 6.04 1.79
N GLU A 23 -18.69 7.17 1.10
CA GLU A 23 -17.91 7.26 -0.13
C GLU A 23 -16.46 7.55 0.20
N LEU A 24 -15.56 6.98 -0.58
CA LEU A 24 -14.14 7.29 -0.38
C LEU A 24 -13.82 8.66 -0.94
N GLY A 25 -12.75 9.25 -0.43
CA GLY A 25 -12.28 10.50 -0.98
C GLY A 25 -11.65 10.30 -2.35
N ARG A 26 -11.66 11.37 -3.15
CA ARG A 26 -11.05 11.31 -4.48
C ARG A 26 -9.61 10.82 -4.41
N ILE A 27 -8.87 11.26 -3.39
CA ILE A 27 -7.48 10.84 -3.24
C ILE A 27 -7.42 9.32 -3.05
N GLN A 28 -8.26 8.79 -2.16
CA GLN A 28 -8.28 7.35 -1.93
C GLN A 28 -8.72 6.60 -3.19
N LYS A 29 -9.69 7.14 -3.93
CA LYS A 29 -10.06 6.52 -5.20
C LYS A 29 -8.91 6.52 -6.19
N ILE A 30 -8.17 7.63 -6.27
CA ILE A 30 -7.01 7.67 -7.16
C ILE A 30 -5.96 6.66 -6.70
N SER A 31 -5.65 6.65 -5.40
CA SER A 31 -4.66 5.71 -4.88
C SER A 31 -5.10 4.27 -5.10
N GLY A 32 -6.36 3.97 -4.78
CA GLY A 32 -6.86 2.61 -4.94
C GLY A 32 -6.79 2.12 -6.38
N ALA A 33 -7.13 2.99 -7.33
CA ALA A 33 -7.04 2.63 -8.75
C ALA A 33 -5.60 2.33 -9.14
N ASN A 34 -4.67 3.22 -8.76
CA ASN A 34 -3.26 2.99 -9.04
C ASN A 34 -2.80 1.67 -8.43
N LEU A 35 -3.19 1.40 -7.18
CA LEU A 35 -2.76 0.19 -6.49
C LEU A 35 -3.30 -1.07 -7.16
N SER A 36 -4.57 -1.05 -7.56
CA SER A 36 -5.15 -2.22 -8.22
C SER A 36 -4.41 -2.53 -9.52
N ARG A 37 -4.01 -1.49 -10.26
CA ARG A 37 -3.21 -1.69 -11.47
C ARG A 37 -1.84 -2.27 -11.12
N ASN A 38 -1.10 -1.59 -10.24
CA ASN A 38 0.26 -2.02 -9.91
C ASN A 38 0.28 -3.45 -9.37
N TRP A 39 -0.74 -3.82 -8.61
CA TRP A 39 -0.74 -5.14 -7.97
C TRP A 39 -0.76 -6.26 -9.01
N VAL A 40 -1.54 -6.11 -10.07
CA VAL A 40 -1.65 -7.18 -11.05
C VAL A 40 -0.53 -7.13 -12.08
N MET A 41 -0.03 -5.94 -12.42
CA MET A 41 1.03 -5.84 -13.43
C MET A 41 2.41 -6.16 -12.88
N ILE A 42 2.64 -5.96 -11.58
CA ILE A 42 3.99 -6.05 -11.03
C ILE A 42 4.08 -7.35 -10.21
N PRO A 43 4.85 -8.33 -10.65
CA PRO A 43 5.08 -9.51 -9.81
C PRO A 43 5.99 -9.14 -8.67
N HIS A 44 5.47 -9.18 -7.44
CA HIS A 44 6.20 -8.68 -6.28
C HIS A 44 7.03 -9.78 -5.64
N VAL A 45 8.28 -9.45 -5.33
CA VAL A 45 9.09 -10.23 -4.40
C VAL A 45 9.51 -9.29 -3.29
N THR A 46 9.48 -9.77 -2.04
CA THR A 46 9.91 -8.95 -0.91
C THR A 46 11.07 -9.62 -0.20
N HIS A 47 12.15 -8.86 -0.02
CA HIS A 47 13.29 -9.28 0.78
C HIS A 47 13.24 -8.57 2.13
N PHE A 48 13.67 -9.28 3.18
CA PHE A 48 13.79 -8.71 4.52
C PHE A 48 15.24 -8.71 4.96
N ASP A 49 15.60 -7.76 5.83
CA ASP A 49 16.96 -7.65 6.34
C ASP A 49 16.91 -6.82 7.62
N LYS A 50 18.02 -6.83 8.34
CA LYS A 50 18.16 -6.10 9.60
C LYS A 50 19.54 -5.46 9.51
N THR A 51 19.66 -4.18 9.88
CA THR A 51 20.93 -3.50 9.76
C THR A 51 21.32 -2.87 11.09
N ASP A 52 22.60 -3.00 11.44
CA ASP A 52 23.14 -2.53 12.71
C ASP A 52 23.37 -1.03 12.62
N ILE A 53 22.53 -0.23 13.28
CA ILE A 53 22.67 1.22 13.25
C ILE A 53 23.19 1.77 14.57
N THR A 54 23.81 0.92 15.39
CA THR A 54 24.33 1.37 16.68
C THR A 54 25.23 2.60 16.53
N GLU A 55 26.17 2.55 15.59
CA GLU A 55 27.14 3.65 15.50
C GLU A 55 26.60 4.82 14.70
N LEU A 56 25.71 4.57 13.74
CA LEU A 56 25.02 5.66 13.04
C LEU A 56 24.24 6.52 14.03
N GLU A 57 23.50 5.88 14.94
CA GLU A 57 22.70 6.62 15.89
C GLU A 57 23.58 7.46 16.81
N ALA A 58 24.70 6.89 17.27
CA ALA A 58 25.65 7.69 18.04
C ALA A 58 26.17 8.86 17.22
N PHE A 59 26.43 8.63 15.92
CA PHE A 59 26.89 9.71 15.07
C PHE A 59 25.79 10.75 14.85
N ARG A 60 24.54 10.31 14.67
CA ARG A 60 23.45 11.26 14.47
C ARG A 60 23.28 12.17 15.68
N LYS A 61 23.30 11.59 16.88
CA LYS A 61 23.16 12.39 18.09
C LYS A 61 24.32 13.37 18.22
N GLN A 62 25.52 12.95 17.83
CA GLN A 62 26.68 13.83 17.89
C GLN A 62 26.50 15.01 16.95
N GLN A 63 26.12 14.73 15.69
CA GLN A 63 25.93 15.81 14.73
C GLN A 63 24.76 16.71 15.10
N ASN A 64 23.77 16.18 15.83
CA ASN A 64 22.64 17.01 16.22
C ASN A 64 23.02 18.03 17.29
N GLU A 65 23.90 17.66 18.23
CA GLU A 65 24.35 18.69 19.18
C GLU A 65 25.26 19.69 18.50
N GLU A 66 26.15 19.22 17.62
CA GLU A 66 27.07 20.10 16.91
C GLU A 66 26.37 20.99 15.90
N ALA A 67 25.18 20.61 15.43
CA ALA A 67 24.39 21.49 14.59
C ALA A 67 23.63 22.52 15.42
N ALA A 68 23.29 22.19 16.67
CA ALA A 68 22.62 23.13 17.55
C ALA A 68 23.57 24.18 18.07
N LYS A 69 24.82 23.80 18.37
CA LYS A 69 25.80 24.77 18.82
C LYS A 69 26.03 25.84 17.77
N ARG A 70 26.01 25.46 16.49
CA ARG A 70 26.12 26.43 15.41
C ARG A 70 24.80 27.11 15.07
N LYS A 71 23.74 26.84 15.83
CA LYS A 71 22.42 27.45 15.61
C LYS A 71 21.97 27.26 14.16
N LEU A 72 22.30 26.10 13.58
CA LEU A 72 21.97 25.85 12.18
C LEU A 72 20.50 25.53 11.98
N ASP A 73 19.73 25.33 13.05
CA ASP A 73 18.29 25.04 12.97
C ASP A 73 18.03 23.82 12.06
N VAL A 74 18.51 22.67 12.54
CA VAL A 74 18.33 21.44 11.79
C VAL A 74 18.46 20.24 12.73
N LYS A 75 17.50 19.33 12.64
CA LYS A 75 17.50 18.10 13.41
C LYS A 75 17.59 16.93 12.43
N ILE A 76 18.71 16.21 12.48
CA ILE A 76 18.92 15.09 11.58
C ILE A 76 18.13 13.89 12.09
N THR A 77 17.29 13.32 11.23
CA THR A 77 16.48 12.16 11.55
C THR A 77 17.01 10.93 10.81
N PRO A 78 16.76 9.72 11.32
CA PRO A 78 17.32 8.52 10.68
C PRO A 78 17.01 8.38 9.20
N VAL A 79 15.81 8.79 8.77
CA VAL A 79 15.40 8.52 7.39
C VAL A 79 16.29 9.25 6.38
N VAL A 80 16.91 10.37 6.79
CA VAL A 80 17.83 11.06 5.89
C VAL A 80 19.04 10.19 5.56
N PHE A 81 19.55 9.45 6.54
CA PHE A 81 20.65 8.52 6.26
C PHE A 81 20.21 7.41 5.32
N ILE A 82 18.99 6.92 5.49
CA ILE A 82 18.48 5.86 4.62
C ILE A 82 18.34 6.37 3.19
N MET A 83 17.87 7.60 3.04
CA MET A 83 17.84 8.27 1.74
C MET A 83 19.20 8.22 1.05
N LYS A 84 20.26 8.61 1.75
CA LYS A 84 21.58 8.64 1.12
C LYS A 84 22.10 7.22 0.84
N ALA A 85 21.78 6.27 1.71
CA ALA A 85 22.24 4.90 1.47
C ALA A 85 21.55 4.31 0.24
N VAL A 86 20.23 4.54 0.13
CA VAL A 86 19.49 4.12 -1.07
C VAL A 86 20.06 4.80 -2.31
N ALA A 87 20.35 6.10 -2.23
CA ALA A 87 20.89 6.82 -3.38
C ALA A 87 22.24 6.25 -3.81
N ALA A 88 23.10 5.94 -2.83
CA ALA A 88 24.38 5.33 -3.18
C ALA A 88 24.20 3.93 -3.76
N ALA A 89 23.18 3.18 -3.30
CA ALA A 89 22.94 1.86 -3.86
C ALA A 89 22.42 1.95 -5.29
N LEU A 90 21.57 2.94 -5.56
CA LEU A 90 21.09 3.15 -6.93
C LEU A 90 22.22 3.53 -7.87
N GLU A 91 23.31 4.09 -7.36
CA GLU A 91 24.47 4.36 -8.19
C GLU A 91 25.23 3.09 -8.52
N GLN A 92 25.30 2.16 -7.56
CA GLN A 92 26.09 0.93 -7.72
C GLN A 92 25.34 -0.11 -8.53
N MET A 93 24.01 -0.20 -8.36
CA MET A 93 23.19 -1.11 -9.18
C MET A 93 22.13 -0.31 -9.91
N PRO A 94 22.51 0.29 -11.04
CA PRO A 94 21.61 1.23 -11.74
C PRO A 94 20.35 0.59 -12.30
N ARG A 95 20.27 -0.74 -12.36
CA ARG A 95 19.05 -1.34 -12.87
C ARG A 95 17.89 -1.20 -11.91
N PHE A 96 18.18 -0.89 -10.63
CA PHE A 96 17.11 -0.54 -9.69
C PHE A 96 16.63 0.89 -9.90
N ASN A 97 17.41 1.70 -10.60
CA ASN A 97 17.03 3.08 -10.90
C ASN A 97 16.47 3.14 -12.32
N SER A 98 15.25 2.61 -12.46
CA SER A 98 14.75 2.31 -13.79
C SER A 98 13.22 2.22 -13.78
N SER A 99 12.65 2.23 -14.98
CA SER A 99 11.22 2.05 -15.17
C SER A 99 11.00 1.16 -16.38
N LEU A 100 10.15 0.15 -16.22
CA LEU A 100 9.83 -0.79 -17.30
C LEU A 100 8.64 -0.29 -18.10
N SER A 101 8.73 -0.43 -19.43
CA SER A 101 7.66 -0.01 -20.31
C SER A 101 6.40 -0.85 -20.08
N GLU A 102 5.29 -0.38 -20.65
CA GLU A 102 4.02 -1.08 -20.49
C GLU A 102 4.07 -2.49 -21.09
N ASP A 103 4.66 -2.63 -22.28
CA ASP A 103 4.69 -3.95 -22.92
C ASP A 103 5.77 -4.86 -22.35
N GLY A 104 6.50 -4.41 -21.34
CA GLY A 104 7.54 -5.22 -20.73
C GLY A 104 8.80 -5.38 -21.54
N GLN A 105 8.92 -4.72 -22.69
CA GLN A 105 10.03 -4.97 -23.59
C GLN A 105 11.21 -4.03 -23.41
N ARG A 106 10.99 -2.84 -22.83
CA ARG A 106 12.02 -1.80 -22.79
C ARG A 106 12.18 -1.27 -21.38
N LEU A 107 13.44 -1.20 -20.91
CA LEU A 107 13.77 -0.64 -19.61
C LEU A 107 14.39 0.73 -19.80
N THR A 108 13.84 1.72 -19.10
CA THR A 108 14.38 3.07 -19.11
C THR A 108 15.28 3.23 -17.88
N LEU A 109 16.59 3.31 -18.11
CA LEU A 109 17.56 3.52 -17.05
C LEU A 109 17.66 5.02 -16.77
N LYS A 110 17.44 5.42 -15.52
CA LYS A 110 17.52 6.84 -15.16
C LYS A 110 18.92 7.19 -14.68
N LYS A 111 19.39 8.35 -15.11
CA LYS A 111 20.70 8.85 -14.73
C LYS A 111 20.62 9.90 -13.63
N TYR A 112 19.42 10.22 -13.18
CA TYR A 112 19.17 11.10 -12.05
C TYR A 112 18.62 10.26 -10.91
N ILE A 113 18.82 10.71 -9.68
CA ILE A 113 18.41 9.94 -8.51
C ILE A 113 17.54 10.83 -7.62
N ASN A 114 16.23 10.64 -7.73
CA ASN A 114 15.24 11.30 -6.89
C ASN A 114 14.52 10.21 -6.08
N ILE A 115 14.21 10.51 -4.83
CA ILE A 115 13.66 9.50 -3.92
C ILE A 115 12.41 10.05 -3.25
N GLY A 116 11.33 9.29 -3.33
CA GLY A 116 10.11 9.64 -2.62
C GLY A 116 10.17 9.09 -1.21
N VAL A 117 9.67 9.89 -0.27
CA VAL A 117 9.64 9.51 1.14
C VAL A 117 8.20 9.62 1.61
N ALA A 118 7.66 8.52 2.12
CA ALA A 118 6.30 8.52 2.65
C ALA A 118 6.25 9.34 3.92
N VAL A 119 5.28 10.26 3.99
CA VAL A 119 5.10 11.15 5.12
C VAL A 119 3.64 11.07 5.55
N ASP A 120 3.40 10.83 6.83
CA ASP A 120 2.05 10.65 7.35
C ASP A 120 1.43 12.01 7.66
N THR A 121 0.16 12.16 7.30
CA THR A 121 -0.58 13.40 7.44
C THR A 121 -1.91 13.09 8.09
N PRO A 122 -2.66 14.12 8.51
CA PRO A 122 -4.07 13.91 8.89
C PRO A 122 -4.92 13.29 7.79
N ASN A 123 -4.44 13.24 6.55
CA ASN A 123 -5.16 12.58 5.47
C ASN A 123 -4.46 11.30 5.01
N GLY A 124 -3.54 10.78 5.81
CA GLY A 124 -2.82 9.57 5.47
C GLY A 124 -1.46 9.85 4.87
N LEU A 125 -0.78 8.76 4.54
CA LEU A 125 0.58 8.84 3.98
C LEU A 125 0.55 9.50 2.60
N VAL A 126 1.39 10.51 2.40
CA VAL A 126 1.69 11.04 1.08
C VAL A 126 3.18 10.89 0.83
N VAL A 127 3.58 11.05 -0.43
CA VAL A 127 4.96 10.74 -0.83
C VAL A 127 5.59 11.90 -1.59
N PRO A 128 6.10 12.91 -0.89
CA PRO A 128 6.92 13.91 -1.59
C PRO A 128 8.19 13.29 -2.14
N VAL A 129 8.67 13.85 -3.24
CA VAL A 129 9.88 13.38 -3.92
C VAL A 129 10.98 14.41 -3.69
N PHE A 130 12.17 13.93 -3.34
CA PHE A 130 13.33 14.78 -3.14
C PHE A 130 14.33 14.51 -4.25
N LYS A 131 14.89 15.58 -4.80
CA LYS A 131 15.69 15.51 -6.02
C LYS A 131 17.17 15.46 -5.70
N ASP A 132 17.92 14.76 -6.55
CA ASP A 132 19.39 14.69 -6.48
C ASP A 132 19.88 14.31 -5.08
N VAL A 133 19.29 13.27 -4.52
CA VAL A 133 19.67 12.82 -3.19
C VAL A 133 21.15 12.43 -3.14
N ASN A 134 21.65 11.84 -4.23
CA ASN A 134 23.04 11.42 -4.25
C ASN A 134 24.00 12.60 -4.21
N LYS A 135 23.55 13.80 -4.59
CA LYS A 135 24.39 14.98 -4.64
C LYS A 135 24.17 15.93 -3.46
N LYS A 136 23.36 15.54 -2.48
CA LYS A 136 23.03 16.43 -1.37
C LYS A 136 23.51 15.85 -0.05
N GLY A 137 23.83 16.74 0.88
CA GLY A 137 24.28 16.33 2.19
C GLY A 137 23.14 16.06 3.16
N ILE A 138 23.52 15.51 4.31
CA ILE A 138 22.55 15.17 5.35
C ILE A 138 21.86 16.42 5.89
N ILE A 139 22.62 17.51 6.06
CA ILE A 139 22.03 18.74 6.60
C ILE A 139 20.98 19.29 5.63
N GLU A 140 21.32 19.37 4.35
CA GLU A 140 20.42 19.94 3.36
C GLU A 140 19.14 19.11 3.26
N LEU A 141 19.29 17.78 3.20
CA LEU A 141 18.12 16.92 3.07
C LEU A 141 17.23 16.97 4.31
N SER A 142 17.84 17.11 5.49
CA SER A 142 17.05 17.26 6.70
C SER A 142 16.19 18.53 6.65
N ARG A 143 16.76 19.62 6.13
CA ARG A 143 16.02 20.87 6.00
C ARG A 143 14.85 20.72 5.03
N GLU A 144 15.09 20.12 3.87
CA GLU A 144 14.00 19.90 2.92
C GLU A 144 12.90 19.03 3.52
N LEU A 145 13.29 17.95 4.20
CA LEU A 145 12.31 17.05 4.76
C LEU A 145 11.44 17.73 5.80
N MET A 146 12.06 18.54 6.67
CA MET A 146 11.30 19.31 7.65
C MET A 146 10.29 20.23 6.97
N THR A 147 10.76 21.02 6.00
CA THR A 147 9.89 22.01 5.36
C THR A 147 8.76 21.33 4.59
N ILE A 148 9.07 20.26 3.85
CA ILE A 148 8.09 19.61 3.00
C ILE A 148 7.13 18.75 3.80
N SER A 149 7.64 18.05 4.84
CA SER A 149 6.74 17.30 5.71
C SER A 149 5.75 18.24 6.39
N LYS A 150 6.20 19.42 6.82
CA LYS A 150 5.27 20.43 7.32
C LYS A 150 4.21 20.75 6.27
N LYS A 151 4.66 21.05 5.06
CA LYS A 151 3.73 21.32 3.96
C LYS A 151 2.75 20.18 3.78
N ALA A 152 3.20 18.93 3.97
CA ALA A 152 2.33 17.78 3.80
C ALA A 152 1.28 17.72 4.90
N ARG A 153 1.69 17.92 6.16
CA ARG A 153 0.73 17.87 7.27
C ARG A 153 -0.29 19.00 7.14
N ASP A 154 0.13 20.16 6.64
CA ASP A 154 -0.78 21.27 6.42
C ASP A 154 -1.57 21.11 5.13
N GLY A 155 -1.33 20.04 4.37
CA GLY A 155 -2.16 19.72 3.23
C GLY A 155 -1.97 20.60 2.01
N LYS A 156 -0.90 21.37 1.95
CA LYS A 156 -0.65 22.27 0.82
C LYS A 156 0.47 21.76 -0.08
N LEU A 157 0.61 20.44 -0.19
CA LEU A 157 1.66 19.89 -1.04
C LEU A 157 1.32 20.11 -2.52
N THR A 158 2.36 20.27 -3.32
CA THR A 158 2.21 20.59 -4.73
C THR A 158 2.27 19.30 -5.55
N ALA A 159 1.46 19.24 -6.62
CA ALA A 159 1.54 18.09 -7.51
C ALA A 159 2.96 17.89 -8.04
N GLY A 160 3.63 18.97 -8.43
CA GLY A 160 5.01 18.87 -8.89
C GLY A 160 5.94 18.30 -7.83
N GLU A 161 5.71 18.65 -6.56
CA GLU A 161 6.58 18.19 -5.48
C GLU A 161 6.47 16.69 -5.22
N MET A 162 5.59 15.98 -5.92
CA MET A 162 5.44 14.53 -5.76
C MET A 162 5.77 13.78 -7.05
N GLN A 163 6.42 14.43 -8.01
CA GLN A 163 6.74 13.86 -9.30
C GLN A 163 8.22 13.53 -9.38
N GLY A 164 8.57 12.65 -10.31
CA GLY A 164 9.95 12.38 -10.65
C GLY A 164 10.65 11.37 -9.77
N GLY A 165 9.93 10.67 -8.91
CA GLY A 165 10.59 9.71 -8.04
C GLY A 165 11.18 8.56 -8.83
N CYS A 166 12.32 8.06 -8.35
CA CYS A 166 12.95 6.87 -8.89
C CYS A 166 12.81 5.65 -7.99
N PHE A 167 12.39 5.84 -6.75
CA PHE A 167 12.47 4.87 -5.66
C PHE A 167 11.73 5.49 -4.49
N THR A 168 11.07 4.65 -3.70
CA THR A 168 10.29 5.12 -2.56
C THR A 168 10.80 4.47 -1.28
N ILE A 169 10.85 5.28 -0.21
CA ILE A 169 11.11 4.81 1.14
C ILE A 169 9.84 5.04 1.95
N SER A 170 9.42 4.01 2.69
CA SER A 170 8.24 4.07 3.54
C SER A 170 8.66 3.62 4.93
N SER A 171 8.86 4.58 5.83
CA SER A 171 9.32 4.34 7.19
C SER A 171 8.12 4.49 8.11
N ILE A 172 7.64 3.37 8.66
CA ILE A 172 6.45 3.39 9.51
C ILE A 172 6.76 2.97 10.94
N GLY A 173 8.04 2.78 11.27
CA GLY A 173 8.41 2.21 12.57
C GLY A 173 8.02 3.07 13.75
N GLY A 174 7.90 4.38 13.55
CA GLY A 174 7.41 5.23 14.63
C GLY A 174 6.01 4.88 15.08
N LEU A 175 5.25 4.17 14.23
CA LEU A 175 3.90 3.74 14.55
C LEU A 175 3.78 2.26 14.86
N GLY A 176 4.75 1.45 14.46
CA GLY A 176 4.73 0.04 14.81
C GLY A 176 5.39 -0.82 13.75
N THR A 177 5.11 -2.12 13.84
CA THR A 177 5.64 -3.19 13.00
C THR A 177 7.12 -3.48 13.25
N THR A 178 7.48 -4.75 13.17
CA THR A 178 8.85 -5.21 13.18
C THR A 178 9.40 -5.45 11.78
N HIS A 179 8.53 -5.47 10.78
CA HIS A 179 8.84 -5.66 9.37
C HIS A 179 7.53 -5.44 8.63
N PHE A 180 7.62 -5.10 7.33
CA PHE A 180 6.42 -5.20 6.51
C PHE A 180 6.80 -5.35 5.04
N ALA A 181 5.79 -5.68 4.22
CA ALA A 181 5.99 -6.00 2.81
C ALA A 181 5.21 -5.00 1.97
N PRO A 182 5.82 -3.88 1.60
CA PRO A 182 5.09 -2.84 0.86
C PRO A 182 4.89 -3.22 -0.60
N ILE A 183 4.02 -2.46 -1.27
CA ILE A 183 3.77 -2.60 -2.69
C ILE A 183 4.60 -1.56 -3.45
N VAL A 184 5.15 -1.97 -4.60
CA VAL A 184 5.96 -1.09 -5.44
C VAL A 184 5.13 0.08 -5.97
N ASN A 185 5.74 1.27 -5.96
CA ASN A 185 5.09 2.50 -6.39
C ASN A 185 5.40 2.69 -7.87
N ALA A 186 4.57 2.09 -8.73
CA ALA A 186 4.80 2.16 -10.17
C ALA A 186 4.79 3.62 -10.61
N PRO A 187 5.61 4.00 -11.62
CA PRO A 187 6.49 3.19 -12.47
C PRO A 187 7.90 2.93 -11.91
N GLU A 188 8.14 3.13 -10.61
CA GLU A 188 9.38 2.68 -10.00
C GLU A 188 9.41 1.15 -9.98
N VAL A 189 10.59 0.58 -9.72
CA VAL A 189 10.75 -0.87 -9.69
C VAL A 189 11.02 -1.39 -8.30
N ALA A 190 11.21 -0.52 -7.30
CA ALA A 190 11.53 -1.02 -5.97
C ALA A 190 11.13 -0.01 -4.91
N ILE A 191 10.91 -0.51 -3.71
CA ILE A 191 10.50 0.29 -2.56
C ILE A 191 11.13 -0.31 -1.32
N LEU A 192 11.59 0.56 -0.43
CA LEU A 192 12.19 0.15 0.83
C LEU A 192 11.25 0.44 1.98
N GLY A 193 10.94 -0.57 2.78
CA GLY A 193 10.14 -0.39 3.96
C GLY A 193 11.08 -0.36 5.16
N VAL A 194 10.72 0.44 6.16
CA VAL A 194 11.53 0.54 7.38
C VAL A 194 10.61 0.41 8.57
N SER A 195 10.92 -0.52 9.47
CA SER A 195 10.13 -0.75 10.66
C SER A 195 10.91 -0.31 11.90
N LYS A 196 10.43 -0.71 13.07
CA LYS A 196 10.96 -0.15 14.31
C LYS A 196 12.26 -0.83 14.71
N SER A 197 13.31 -0.02 14.94
CA SER A 197 14.57 -0.52 15.43
C SER A 197 14.40 -1.08 16.84
N ALA A 198 15.20 -2.11 17.14
CA ALA A 198 15.14 -2.70 18.47
C ALA A 198 16.55 -3.12 18.85
N MET A 199 16.83 -3.06 20.15
CA MET A 199 18.12 -3.53 20.61
C MET A 199 18.08 -5.06 20.73
N GLU A 200 19.03 -5.73 20.09
CA GLU A 200 19.07 -7.18 20.00
C GLU A 200 20.44 -7.73 20.37
N PRO A 201 20.50 -8.93 20.95
CA PRO A 201 21.80 -9.57 21.19
C PRO A 201 22.36 -10.11 19.88
N VAL A 202 23.57 -9.70 19.54
CA VAL A 202 24.19 -10.05 18.28
C VAL A 202 25.52 -10.73 18.55
N TRP A 203 25.76 -11.85 17.87
CA TRP A 203 26.97 -12.63 18.07
C TRP A 203 28.18 -11.94 17.46
N ASN A 204 29.25 -11.80 18.22
CA ASN A 204 30.48 -11.20 17.73
C ASN A 204 31.56 -12.23 17.43
N GLY A 205 31.20 -13.51 17.41
CA GLY A 205 32.15 -14.60 17.28
C GLY A 205 32.43 -15.33 18.57
N LYS A 206 32.21 -14.70 19.72
CA LYS A 206 32.41 -15.37 21.00
C LYS A 206 31.37 -15.02 22.06
N GLU A 207 30.55 -13.99 21.87
CA GLU A 207 29.51 -13.65 22.84
C GLU A 207 28.47 -12.78 22.16
N PHE A 208 27.31 -12.68 22.80
CA PHE A 208 26.24 -11.80 22.36
C PHE A 208 26.40 -10.42 23.00
N VAL A 209 26.33 -9.38 22.17
CA VAL A 209 26.42 -8.01 22.67
C VAL A 209 25.18 -7.26 22.19
N PRO A 210 24.76 -6.21 22.91
CA PRO A 210 23.55 -5.48 22.50
C PRO A 210 23.85 -4.52 21.35
N ARG A 211 23.05 -4.62 20.29
CA ARG A 211 23.22 -3.79 19.11
C ARG A 211 21.85 -3.28 18.67
N LEU A 212 21.80 -2.03 18.24
CA LEU A 212 20.55 -1.43 17.75
C LEU A 212 20.33 -1.90 16.32
N MET A 213 19.35 -2.76 16.10
CA MET A 213 19.12 -3.35 14.79
C MET A 213 17.88 -2.73 14.17
N LEU A 214 18.03 -2.27 12.93
CA LEU A 214 16.94 -1.62 12.20
C LEU A 214 16.37 -2.58 11.17
N PRO A 215 15.11 -2.99 11.27
CA PRO A 215 14.57 -3.91 10.26
C PRO A 215 14.16 -3.16 9.00
N ILE A 216 14.59 -3.67 7.85
CA ILE A 216 14.28 -3.06 6.57
C ILE A 216 13.76 -4.15 5.63
N SER A 217 13.02 -3.71 4.62
CA SER A 217 12.43 -4.63 3.66
C SER A 217 12.53 -4.02 2.28
N LEU A 218 12.63 -4.87 1.27
CA LEU A 218 12.73 -4.40 -0.10
C LEU A 218 11.77 -5.20 -0.96
N SER A 219 10.72 -4.56 -1.45
CA SER A 219 9.84 -5.16 -2.45
C SER A 219 10.25 -4.66 -3.83
N PHE A 220 10.16 -5.53 -4.84
CA PHE A 220 10.65 -5.12 -6.15
C PHE A 220 9.91 -5.85 -7.28
N ASP A 221 9.95 -5.20 -8.44
CA ASP A 221 9.38 -5.74 -9.68
C ASP A 221 10.25 -6.88 -10.16
N HIS A 222 9.77 -8.11 -10.00
CA HIS A 222 10.51 -9.32 -10.37
C HIS A 222 10.68 -9.47 -11.88
N ARG A 223 9.96 -8.69 -12.69
CA ARG A 223 10.24 -8.68 -14.11
C ARG A 223 11.58 -8.02 -14.42
N VAL A 224 12.09 -7.19 -13.50
CA VAL A 224 13.32 -6.44 -13.72
C VAL A 224 14.48 -6.97 -12.86
N ILE A 225 14.19 -7.34 -11.61
CA ILE A 225 15.19 -7.69 -10.60
C ILE A 225 14.98 -9.14 -10.19
N ASP A 226 16.05 -9.94 -10.21
CA ASP A 226 15.90 -11.32 -9.73
C ASP A 226 16.25 -11.38 -8.25
N GLY A 227 15.98 -12.55 -7.64
CA GLY A 227 16.20 -12.70 -6.22
C GLY A 227 17.63 -12.37 -5.81
N ALA A 228 18.59 -12.77 -6.63
CA ALA A 228 19.99 -12.56 -6.30
C ALA A 228 20.33 -11.08 -6.26
N ASP A 229 19.89 -10.32 -7.27
CA ASP A 229 20.19 -8.89 -7.28
C ASP A 229 19.46 -8.16 -6.17
N GLY A 230 18.22 -8.57 -5.88
CA GLY A 230 17.54 -8.01 -4.73
C GLY A 230 18.32 -8.22 -3.45
N ALA A 231 18.94 -9.39 -3.30
CA ALA A 231 19.76 -9.63 -2.12
C ALA A 231 21.01 -8.76 -2.13
N ARG A 232 21.63 -8.57 -3.29
CA ARG A 232 22.80 -7.70 -3.37
C ARG A 232 22.44 -6.26 -3.00
N PHE A 233 21.29 -5.79 -3.51
CA PHE A 233 20.86 -4.42 -3.28
C PHE A 233 20.56 -4.17 -1.80
N ILE A 234 19.72 -5.01 -1.19
CA ILE A 234 19.41 -4.77 0.22
C ILE A 234 20.67 -4.88 1.08
N THR A 235 21.61 -5.76 0.69
CA THR A 235 22.87 -5.87 1.44
C THR A 235 23.69 -4.60 1.33
N ILE A 236 23.72 -3.97 0.15
CA ILE A 236 24.47 -2.73 0.02
C ILE A 236 23.88 -1.65 0.92
N ILE A 237 22.55 -1.59 1.00
CA ILE A 237 21.89 -0.64 1.88
C ILE A 237 22.19 -0.95 3.33
N ASN A 238 22.12 -2.23 3.71
CA ASN A 238 22.54 -2.69 5.03
C ASN A 238 23.94 -2.19 5.38
N ASN A 239 24.92 -2.60 4.57
CA ASN A 239 26.32 -2.29 4.86
C ASN A 239 26.58 -0.79 4.87
N THR A 240 25.99 -0.07 3.93
CA THR A 240 26.20 1.37 3.84
C THR A 240 25.70 2.06 5.10
N LEU A 241 24.48 1.70 5.54
CA LEU A 241 23.90 2.28 6.74
C LEU A 241 24.70 1.94 7.98
N SER A 242 25.19 0.71 8.08
CA SER A 242 25.98 0.30 9.23
C SER A 242 27.40 0.88 9.22
N ASP A 243 27.82 1.53 8.13
CA ASP A 243 29.15 2.13 8.06
C ASP A 243 29.16 3.66 8.04
N ILE A 244 28.01 4.33 7.92
CA ILE A 244 28.01 5.75 7.62
C ILE A 244 28.31 6.58 8.87
N ARG A 245 29.34 7.42 8.78
CA ARG A 245 29.73 8.29 9.88
C ARG A 245 30.40 9.56 9.34
N ARG A 246 29.75 10.22 8.37
CA ARG A 246 30.19 11.52 7.88
C ARG A 246 28.98 12.40 7.68
N LEU A 247 29.23 13.71 7.51
CA LEU A 247 28.19 14.73 7.37
C LEU A 247 27.39 14.90 8.66
N PRO B 3 2.11 -8.39 -23.46
CA PRO B 3 0.79 -7.77 -23.62
C PRO B 3 -0.31 -8.68 -23.09
N GLY B 4 -0.75 -9.61 -23.92
CA GLY B 4 -1.63 -10.67 -23.45
C GLY B 4 -0.86 -11.67 -22.62
N MET B 5 -1.49 -12.14 -21.56
CA MET B 5 -0.80 -13.02 -20.62
C MET B 5 -0.43 -14.34 -21.30
N LEU B 6 0.77 -14.82 -21.02
CA LEU B 6 1.18 -16.15 -21.45
C LEU B 6 0.23 -17.19 -20.85
N PRO B 7 -0.25 -18.16 -21.62
CA PRO B 7 -1.11 -19.20 -21.06
C PRO B 7 -0.37 -20.04 -20.02
N TRP B 8 -1.16 -20.73 -19.19
CA TRP B 8 -0.61 -21.64 -18.20
C TRP B 8 0.27 -22.69 -18.90
N PRO B 9 1.35 -23.12 -18.26
CA PRO B 9 2.21 -24.13 -18.89
C PRO B 9 1.44 -25.41 -19.17
N LYS B 10 1.74 -26.01 -20.32
CA LYS B 10 1.22 -27.32 -20.71
C LYS B 10 2.38 -28.31 -20.71
N VAL B 11 2.34 -29.28 -19.80
CA VAL B 11 3.44 -30.21 -19.63
C VAL B 11 2.86 -31.62 -19.53
N ASP B 12 3.45 -32.56 -20.28
CA ASP B 12 3.12 -33.98 -20.20
C ASP B 12 3.90 -34.57 -19.04
N PHE B 13 3.32 -34.49 -17.84
CA PHE B 13 4.01 -34.93 -16.64
C PHE B 13 4.31 -36.42 -16.66
N SER B 14 3.51 -37.20 -17.40
CA SER B 14 3.72 -38.64 -17.43
C SER B 14 5.06 -39.04 -18.01
N LYS B 15 5.72 -38.16 -18.75
CA LYS B 15 7.01 -38.53 -19.32
C LYS B 15 8.15 -38.54 -18.31
N PHE B 16 7.94 -37.98 -17.11
CA PHE B 16 8.94 -38.00 -16.05
C PHE B 16 8.71 -39.11 -15.04
N GLY B 17 7.53 -39.70 -15.00
CA GLY B 17 7.25 -40.78 -14.06
C GLY B 17 5.76 -40.98 -13.91
N GLU B 18 5.40 -41.72 -12.87
CA GLU B 18 4.01 -42.04 -12.62
C GLU B 18 3.27 -40.82 -12.07
N ILE B 19 2.02 -40.63 -12.53
CA ILE B 19 1.18 -39.54 -12.07
C ILE B 19 -0.21 -40.07 -11.77
N GLU B 20 -0.98 -39.28 -11.01
CA GLU B 20 -2.37 -39.58 -10.73
C GLU B 20 -3.13 -38.25 -10.69
N GLU B 21 -4.08 -38.10 -11.60
CA GLU B 21 -4.84 -36.86 -11.72
C GLU B 21 -6.12 -36.99 -10.91
N VAL B 22 -6.25 -36.18 -9.86
CA VAL B 22 -7.45 -36.22 -9.03
C VAL B 22 -8.17 -34.89 -9.14
N GLU B 23 -9.50 -34.94 -9.09
CA GLU B 23 -10.30 -33.73 -9.13
C GLU B 23 -10.38 -33.12 -7.74
N LEU B 24 -10.23 -31.79 -7.67
CA LEU B 24 -10.40 -31.09 -6.41
C LEU B 24 -11.80 -31.31 -5.88
N GLY B 25 -11.90 -31.35 -4.55
CA GLY B 25 -13.20 -31.48 -3.93
C GLY B 25 -14.09 -30.29 -4.23
N ARG B 26 -15.37 -30.49 -3.91
CA ARG B 26 -16.38 -29.46 -4.13
C ARG B 26 -16.06 -28.20 -3.33
N ILE B 27 -15.68 -28.36 -2.07
CA ILE B 27 -15.32 -27.21 -1.24
C ILE B 27 -14.01 -26.58 -1.72
N GLN B 28 -13.01 -27.39 -2.08
CA GLN B 28 -11.76 -26.82 -2.59
C GLN B 28 -11.97 -26.06 -3.89
N LYS B 29 -12.90 -26.49 -4.75
CA LYS B 29 -13.17 -25.76 -5.98
C LYS B 29 -13.75 -24.38 -5.70
N ILE B 30 -14.71 -24.30 -4.79
CA ILE B 30 -15.32 -23.01 -4.46
C ILE B 30 -14.29 -22.08 -3.82
N SER B 31 -13.56 -22.59 -2.82
CA SER B 31 -12.55 -21.76 -2.19
C SER B 31 -11.45 -21.36 -3.16
N GLY B 32 -11.05 -22.27 -4.06
CA GLY B 32 -10.07 -21.93 -5.07
C GLY B 32 -10.54 -20.85 -6.03
N ALA B 33 -11.83 -20.85 -6.37
CA ALA B 33 -12.37 -19.78 -7.21
C ALA B 33 -12.40 -18.46 -6.46
N ASN B 34 -12.76 -18.47 -5.17
CA ASN B 34 -12.75 -17.25 -4.38
C ASN B 34 -11.33 -16.70 -4.24
N LEU B 35 -10.36 -17.58 -3.98
CA LEU B 35 -8.97 -17.14 -3.86
C LEU B 35 -8.47 -16.50 -5.15
N SER B 36 -8.83 -17.07 -6.29
CA SER B 36 -8.38 -16.50 -7.56
C SER B 36 -8.92 -15.09 -7.75
N ARG B 37 -10.18 -14.87 -7.37
CA ARG B 37 -10.78 -13.55 -7.44
C ARG B 37 -10.14 -12.61 -6.42
N ASN B 38 -10.11 -13.02 -5.15
CA ASN B 38 -9.58 -12.16 -4.10
C ASN B 38 -8.15 -11.75 -4.38
N TRP B 39 -7.34 -12.67 -4.92
CA TRP B 39 -5.92 -12.41 -5.11
C TRP B 39 -5.67 -11.29 -6.11
N VAL B 40 -6.40 -11.28 -7.22
CA VAL B 40 -6.13 -10.27 -8.24
C VAL B 40 -6.82 -8.94 -7.94
N MET B 41 -7.91 -8.93 -7.18
CA MET B 41 -8.56 -7.64 -6.95
C MET B 41 -8.21 -7.01 -5.61
N ILE B 42 -7.48 -7.70 -4.74
CA ILE B 42 -7.09 -7.12 -3.46
C ILE B 42 -5.58 -6.90 -3.46
N PRO B 43 -5.10 -5.66 -3.51
CA PRO B 43 -3.66 -5.43 -3.34
C PRO B 43 -3.25 -5.63 -1.89
N HIS B 44 -2.43 -6.64 -1.63
CA HIS B 44 -2.05 -7.03 -0.26
C HIS B 44 -0.81 -6.30 0.21
N VAL B 45 -0.88 -5.74 1.42
CA VAL B 45 0.29 -5.41 2.22
C VAL B 45 0.21 -6.27 3.47
N THR B 46 1.35 -6.79 3.92
CA THR B 46 1.42 -7.56 5.15
C THR B 46 2.36 -6.88 6.14
N HIS B 47 1.84 -6.59 7.33
CA HIS B 47 2.64 -6.10 8.46
C HIS B 47 2.99 -7.26 9.39
N PHE B 48 4.20 -7.21 9.96
CA PHE B 48 4.66 -8.18 10.93
C PHE B 48 4.90 -7.50 12.27
N ASP B 49 4.67 -8.24 13.36
CA ASP B 49 4.92 -7.73 14.70
C ASP B 49 5.13 -8.92 15.64
N LYS B 50 5.52 -8.60 16.88
CA LYS B 50 5.72 -9.57 17.95
C LYS B 50 5.14 -8.98 19.23
N THR B 51 4.30 -9.75 19.92
CA THR B 51 3.64 -9.29 21.13
C THR B 51 4.21 -10.02 22.34
N ASP B 52 4.57 -9.26 23.37
CA ASP B 52 4.98 -9.84 24.65
C ASP B 52 3.75 -10.42 25.35
N ILE B 53 3.62 -11.75 25.37
CA ILE B 53 2.49 -12.40 26.03
C ILE B 53 2.91 -13.10 27.32
N THR B 54 4.05 -12.71 27.90
CA THR B 54 4.52 -13.38 29.11
C THR B 54 3.48 -13.37 30.22
N GLU B 55 2.98 -12.19 30.58
CA GLU B 55 2.06 -12.09 31.71
C GLU B 55 0.69 -12.68 31.36
N LEU B 56 0.27 -12.50 30.10
CA LEU B 56 -1.00 -13.03 29.65
C LEU B 56 -1.05 -14.55 29.74
N GLU B 57 0.03 -15.20 29.31
CA GLU B 57 0.08 -16.66 29.41
C GLU B 57 0.03 -17.11 30.86
N ALA B 58 0.73 -16.40 31.75
CA ALA B 58 0.63 -16.73 33.17
C ALA B 58 -0.80 -16.58 33.66
N PHE B 59 -1.47 -15.50 33.26
CA PHE B 59 -2.86 -15.28 33.65
C PHE B 59 -3.75 -16.40 33.12
N ARG B 60 -3.59 -16.76 31.84
CA ARG B 60 -4.43 -17.80 31.26
C ARG B 60 -4.31 -19.11 32.02
N LYS B 61 -3.07 -19.54 32.30
CA LYS B 61 -2.88 -20.80 33.03
C LYS B 61 -3.49 -20.72 34.42
N GLN B 62 -3.25 -19.61 35.13
CA GLN B 62 -3.88 -19.41 36.42
C GLN B 62 -5.40 -19.53 36.33
N GLN B 63 -6.00 -18.82 35.37
CA GLN B 63 -7.45 -18.86 35.21
C GLN B 63 -7.93 -20.26 34.85
N ASN B 64 -7.17 -20.98 34.02
CA ASN B 64 -7.52 -22.35 33.70
C ASN B 64 -7.46 -23.23 34.93
N GLU B 65 -6.54 -22.94 35.86
CA GLU B 65 -6.49 -23.66 37.12
C GLU B 65 -7.70 -23.34 37.99
N GLU B 66 -8.05 -22.05 38.06
CA GLU B 66 -9.23 -21.62 38.81
C GLU B 66 -10.47 -22.34 38.33
N ALA B 67 -10.72 -22.32 37.02
CA ALA B 67 -11.88 -23.01 36.46
C ALA B 67 -11.81 -24.51 36.72
N ALA B 68 -10.61 -25.08 36.73
CA ALA B 68 -10.47 -26.51 36.95
C ALA B 68 -10.86 -26.90 38.37
N LYS B 69 -10.24 -26.26 39.36
CA LYS B 69 -10.48 -26.63 40.75
C LYS B 69 -11.83 -26.18 41.27
N ARG B 70 -12.58 -25.41 40.49
CA ARG B 70 -13.98 -25.14 40.76
C ARG B 70 -14.92 -25.95 39.88
N LYS B 71 -14.37 -26.82 39.02
CA LYS B 71 -15.14 -27.72 38.16
C LYS B 71 -16.05 -26.94 37.22
N LEU B 72 -15.43 -26.07 36.41
CA LEU B 72 -16.17 -25.26 35.46
C LEU B 72 -16.18 -25.84 34.05
N ASP B 73 -15.30 -26.80 33.76
CA ASP B 73 -15.26 -27.50 32.46
C ASP B 73 -15.18 -26.52 31.29
N VAL B 74 -14.31 -25.52 31.44
CA VAL B 74 -14.01 -24.59 30.36
C VAL B 74 -12.51 -24.38 30.31
N LYS B 75 -11.93 -24.54 29.13
CA LYS B 75 -10.50 -24.35 28.94
C LYS B 75 -10.31 -23.09 28.11
N ILE B 76 -9.55 -22.14 28.65
CA ILE B 76 -9.25 -20.90 27.95
C ILE B 76 -8.02 -21.14 27.08
N THR B 77 -8.20 -21.04 25.77
CA THR B 77 -7.10 -21.14 24.83
C THR B 77 -6.59 -19.75 24.46
N PRO B 78 -5.34 -19.64 24.00
CA PRO B 78 -4.82 -18.31 23.66
C PRO B 78 -5.66 -17.54 22.63
N VAL B 79 -6.24 -18.22 21.64
CA VAL B 79 -6.87 -17.50 20.55
C VAL B 79 -8.08 -16.68 21.02
N VAL B 80 -8.73 -17.08 22.12
CA VAL B 80 -9.88 -16.29 22.57
C VAL B 80 -9.42 -14.91 23.04
N PHE B 81 -8.24 -14.83 23.67
CA PHE B 81 -7.69 -13.52 24.01
C PHE B 81 -7.38 -12.73 22.75
N ILE B 82 -6.90 -13.40 21.70
CA ILE B 82 -6.63 -12.71 20.44
C ILE B 82 -7.93 -12.16 19.85
N MET B 83 -9.02 -12.94 19.89
CA MET B 83 -10.30 -12.43 19.40
C MET B 83 -10.71 -11.15 20.12
N LYS B 84 -10.54 -11.09 21.44
CA LYS B 84 -10.98 -9.91 22.18
C LYS B 84 -10.11 -8.70 21.84
N ALA B 85 -8.80 -8.93 21.63
CA ALA B 85 -7.92 -7.84 21.26
C ALA B 85 -8.23 -7.33 19.86
N VAL B 86 -8.50 -8.24 18.92
CA VAL B 86 -8.93 -7.83 17.60
C VAL B 86 -10.26 -7.09 17.66
N ALA B 87 -11.21 -7.57 18.48
CA ALA B 87 -12.49 -6.88 18.60
C ALA B 87 -12.33 -5.48 19.17
N ALA B 88 -11.38 -5.28 20.09
CA ALA B 88 -11.13 -3.94 20.62
C ALA B 88 -10.47 -3.05 19.57
N ALA B 89 -9.56 -3.61 18.78
CA ALA B 89 -8.94 -2.85 17.69
C ALA B 89 -9.97 -2.46 16.62
N LEU B 90 -10.89 -3.36 16.30
CA LEU B 90 -11.93 -3.04 15.31
C LEU B 90 -12.88 -1.97 15.82
N GLU B 91 -13.10 -1.92 17.13
CA GLU B 91 -13.87 -0.82 17.71
C GLU B 91 -13.13 0.50 17.57
N GLN B 92 -11.82 0.51 17.85
CA GLN B 92 -11.06 1.76 17.90
C GLN B 92 -10.68 2.28 16.52
N MET B 93 -10.60 1.40 15.51
CA MET B 93 -10.26 1.76 14.14
C MET B 93 -11.31 1.13 13.23
N PRO B 94 -12.48 1.76 13.11
CA PRO B 94 -13.62 1.11 12.44
C PRO B 94 -13.45 0.95 10.95
N ARG B 95 -12.49 1.64 10.34
CA ARG B 95 -12.20 1.40 8.92
C ARG B 95 -11.71 -0.02 8.66
N PHE B 96 -11.18 -0.70 9.67
CA PHE B 96 -10.80 -2.10 9.51
C PHE B 96 -12.00 -3.03 9.57
N ASN B 97 -13.11 -2.57 10.16
CA ASN B 97 -14.33 -3.35 10.25
C ASN B 97 -15.28 -2.92 9.14
N SER B 98 -14.92 -3.30 7.91
CA SER B 98 -15.57 -2.71 6.74
C SER B 98 -15.44 -3.65 5.54
N SER B 99 -16.15 -3.28 4.48
CA SER B 99 -16.09 -3.98 3.20
C SER B 99 -16.17 -2.94 2.08
N LEU B 100 -15.36 -3.14 1.05
CA LEU B 100 -15.35 -2.25 -0.10
C LEU B 100 -16.27 -2.79 -1.18
N SER B 101 -16.97 -1.89 -1.88
CA SER B 101 -17.79 -2.33 -3.00
C SER B 101 -16.90 -2.84 -4.13
N GLU B 102 -17.54 -3.50 -5.11
CA GLU B 102 -16.77 -4.08 -6.21
C GLU B 102 -16.16 -3.04 -7.13
N ASP B 103 -16.74 -1.84 -7.20
CA ASP B 103 -16.16 -0.75 -7.98
C ASP B 103 -15.19 0.09 -7.18
N GLY B 104 -14.88 -0.33 -5.95
CA GLY B 104 -13.91 0.35 -5.13
C GLY B 104 -14.24 1.78 -4.80
N GLN B 105 -15.52 2.14 -4.81
CA GLN B 105 -15.93 3.53 -4.65
C GLN B 105 -16.52 3.84 -3.29
N ARG B 106 -17.15 2.87 -2.63
CA ARG B 106 -17.86 3.09 -1.39
C ARG B 106 -17.48 2.03 -0.37
N LEU B 107 -17.29 2.46 0.87
CA LEU B 107 -16.89 1.60 1.96
C LEU B 107 -18.06 1.43 2.93
N THR B 108 -18.42 0.18 3.21
CA THR B 108 -19.46 -0.12 4.19
C THR B 108 -18.81 -0.29 5.56
N LEU B 109 -19.06 0.67 6.46
CA LEU B 109 -18.57 0.58 7.83
C LEU B 109 -19.57 -0.20 8.66
N LYS B 110 -19.13 -1.33 9.21
CA LYS B 110 -19.99 -2.21 9.99
C LYS B 110 -19.91 -1.83 11.46
N LYS B 111 -21.07 -1.80 12.11
CA LYS B 111 -21.09 -1.53 13.55
C LYS B 111 -20.94 -2.81 14.36
N TYR B 112 -21.50 -3.91 13.89
CA TYR B 112 -21.34 -5.20 14.56
C TYR B 112 -19.93 -5.73 14.35
N ILE B 113 -19.47 -6.56 15.28
CA ILE B 113 -18.13 -7.13 15.23
C ILE B 113 -18.27 -8.64 15.34
N ASN B 114 -18.15 -9.33 14.21
CA ASN B 114 -18.10 -10.79 14.13
C ASN B 114 -16.74 -11.19 13.58
N ILE B 115 -16.12 -12.22 14.17
CA ILE B 115 -14.76 -12.60 13.80
C ILE B 115 -14.74 -14.07 13.40
N GLY B 116 -14.25 -14.33 12.20
CA GLY B 116 -14.00 -15.70 11.77
C GLY B 116 -12.66 -16.19 12.31
N VAL B 117 -12.64 -17.44 12.74
CA VAL B 117 -11.47 -18.04 13.34
C VAL B 117 -11.18 -19.34 12.60
N ALA B 118 -10.00 -19.42 11.98
CA ALA B 118 -9.62 -20.63 11.28
C ALA B 118 -9.51 -21.79 12.26
N VAL B 119 -10.16 -22.89 11.93
CA VAL B 119 -10.13 -24.10 12.74
C VAL B 119 -9.73 -25.26 11.84
N ASP B 120 -8.73 -26.02 12.26
CA ASP B 120 -8.23 -27.12 11.45
C ASP B 120 -9.09 -28.35 11.67
N THR B 121 -9.38 -29.07 10.58
CA THR B 121 -10.24 -30.24 10.57
C THR B 121 -9.58 -31.30 9.70
N PRO B 122 -10.02 -32.56 9.76
CA PRO B 122 -9.48 -33.56 8.81
C PRO B 122 -9.68 -33.19 7.35
N ASN B 123 -10.55 -32.22 7.04
CA ASN B 123 -10.69 -31.70 5.68
C ASN B 123 -10.05 -30.33 5.52
N GLY B 124 -9.08 -29.98 6.37
CA GLY B 124 -8.40 -28.70 6.24
C GLY B 124 -9.04 -27.61 7.07
N LEU B 125 -8.49 -26.41 6.90
CA LEU B 125 -8.90 -25.25 7.70
C LEU B 125 -10.26 -24.72 7.26
N VAL B 126 -11.18 -24.56 8.22
CA VAL B 126 -12.46 -23.92 7.97
C VAL B 126 -12.58 -22.71 8.90
N VAL B 127 -13.46 -21.79 8.52
CA VAL B 127 -13.54 -20.51 9.23
C VAL B 127 -14.94 -20.31 9.79
N PRO B 128 -15.26 -20.89 10.95
CA PRO B 128 -16.48 -20.49 11.65
C PRO B 128 -16.41 -19.04 12.08
N VAL B 129 -17.58 -18.40 12.17
CA VAL B 129 -17.68 -16.98 12.51
C VAL B 129 -18.36 -16.84 13.86
N PHE B 130 -17.73 -16.07 14.75
CA PHE B 130 -18.25 -15.82 16.10
C PHE B 130 -18.79 -14.40 16.18
N LYS B 131 -20.02 -14.26 16.62
CA LYS B 131 -20.72 -12.99 16.56
C LYS B 131 -20.62 -12.24 17.88
N ASP B 132 -20.65 -10.91 17.76
CA ASP B 132 -20.65 -9.99 18.90
C ASP B 132 -19.48 -10.28 19.84
N VAL B 133 -18.29 -10.39 19.26
CA VAL B 133 -17.10 -10.67 20.05
C VAL B 133 -16.82 -9.54 21.03
N ASN B 134 -17.12 -8.30 20.63
CA ASN B 134 -16.93 -7.17 21.53
C ASN B 134 -17.94 -7.14 22.67
N LYS B 135 -19.00 -7.94 22.58
CA LYS B 135 -20.03 -7.96 23.61
C LYS B 135 -20.07 -9.28 24.38
N LYS B 136 -18.98 -10.04 24.35
CA LYS B 136 -18.92 -11.35 24.98
C LYS B 136 -17.62 -11.49 25.78
N GLY B 137 -17.73 -12.16 26.92
CA GLY B 137 -16.58 -12.39 27.77
C GLY B 137 -15.74 -13.57 27.34
N ILE B 138 -14.62 -13.76 28.03
CA ILE B 138 -13.65 -14.79 27.66
C ILE B 138 -14.23 -16.18 27.87
N ILE B 139 -14.92 -16.39 29.01
CA ILE B 139 -15.50 -17.71 29.29
C ILE B 139 -16.53 -18.06 28.24
N GLU B 140 -17.43 -17.12 27.95
CA GLU B 140 -18.48 -17.37 26.97
C GLU B 140 -17.89 -17.65 25.59
N LEU B 141 -16.90 -16.87 25.18
CA LEU B 141 -16.27 -17.12 23.89
C LEU B 141 -15.52 -18.45 23.89
N SER B 142 -14.96 -18.86 25.02
CA SER B 142 -14.25 -20.13 25.08
C SER B 142 -15.22 -21.32 24.98
N ARG B 143 -16.39 -21.20 25.61
CA ARG B 143 -17.42 -22.22 25.44
C ARG B 143 -17.83 -22.32 23.98
N GLU B 144 -18.08 -21.18 23.33
CA GLU B 144 -18.44 -21.19 21.92
C GLU B 144 -17.34 -21.85 21.07
N LEU B 145 -16.08 -21.44 21.29
CA LEU B 145 -14.97 -22.02 20.55
C LEU B 145 -14.88 -23.53 20.73
N MET B 146 -15.02 -23.99 21.98
CA MET B 146 -15.01 -25.43 22.22
C MET B 146 -16.12 -26.11 21.43
N THR B 147 -17.34 -25.59 21.51
CA THR B 147 -18.46 -26.24 20.83
C THR B 147 -18.27 -26.24 19.31
N ILE B 148 -17.92 -25.10 18.74
CA ILE B 148 -17.86 -24.98 17.28
C ILE B 148 -16.66 -25.71 16.70
N SER B 149 -15.53 -25.71 17.42
CA SER B 149 -14.35 -26.43 16.91
C SER B 149 -14.61 -27.94 16.83
N LYS B 150 -15.33 -28.49 17.81
CA LYS B 150 -15.75 -29.89 17.72
C LYS B 150 -16.69 -30.11 16.56
N LYS B 151 -17.69 -29.23 16.41
CA LYS B 151 -18.57 -29.30 15.25
C LYS B 151 -17.78 -29.21 13.95
N ALA B 152 -16.77 -28.34 13.92
CA ALA B 152 -15.88 -28.26 12.76
C ALA B 152 -15.09 -29.55 12.58
N ARG B 153 -14.34 -29.94 13.61
CA ARG B 153 -13.55 -31.16 13.54
C ARG B 153 -14.41 -32.37 13.20
N ASP B 154 -15.65 -32.39 13.66
CA ASP B 154 -16.57 -33.47 13.30
C ASP B 154 -17.26 -33.24 11.98
N GLY B 155 -17.07 -32.07 11.35
CA GLY B 155 -17.66 -31.78 10.06
C GLY B 155 -19.17 -31.60 10.05
N LYS B 156 -19.68 -30.78 10.97
CA LYS B 156 -21.13 -30.55 11.08
C LYS B 156 -21.50 -29.09 10.92
N LEU B 157 -20.61 -28.25 10.40
CA LEU B 157 -20.84 -26.81 10.35
C LEU B 157 -21.87 -26.45 9.27
N THR B 158 -22.89 -25.69 9.66
CA THR B 158 -23.87 -25.17 8.73
C THR B 158 -23.36 -23.91 8.03
N ALA B 159 -24.02 -23.57 6.92
CA ALA B 159 -23.62 -22.39 6.17
C ALA B 159 -23.77 -21.12 7.02
N GLY B 160 -24.83 -21.04 7.81
CA GLY B 160 -25.04 -19.87 8.66
C GLY B 160 -23.91 -19.65 9.64
N GLU B 161 -23.37 -20.73 10.18
CA GLU B 161 -22.29 -20.62 11.15
C GLU B 161 -20.99 -20.11 10.54
N MET B 162 -20.95 -19.92 9.21
CA MET B 162 -19.74 -19.45 8.52
C MET B 162 -19.93 -18.08 7.89
N GLN B 163 -21.02 -17.39 8.19
CA GLN B 163 -21.38 -16.14 7.53
C GLN B 163 -21.30 -14.98 8.52
N GLY B 164 -21.24 -13.77 7.97
CA GLY B 164 -21.24 -12.56 8.77
C GLY B 164 -19.90 -12.09 9.25
N GLY B 165 -18.80 -12.69 8.82
CA GLY B 165 -17.50 -12.31 9.33
C GLY B 165 -17.12 -10.88 8.95
N CYS B 166 -16.46 -10.20 9.89
CA CYS B 166 -15.91 -8.87 9.66
C CYS B 166 -14.41 -8.87 9.49
N PHE B 167 -13.75 -9.96 9.85
CA PHE B 167 -12.32 -10.03 10.08
C PHE B 167 -12.02 -11.50 10.35
N THR B 168 -10.81 -11.95 10.04
CA THR B 168 -10.43 -13.34 10.22
C THR B 168 -9.14 -13.42 11.02
N ILE B 169 -9.09 -14.37 11.96
CA ILE B 169 -7.86 -14.77 12.64
C ILE B 169 -7.50 -16.17 12.16
N SER B 170 -6.26 -16.33 11.70
CA SER B 170 -5.76 -17.64 11.29
C SER B 170 -4.52 -17.94 12.13
N SER B 171 -4.67 -18.81 13.13
CA SER B 171 -3.60 -19.14 14.08
C SER B 171 -3.07 -20.53 13.75
N ILE B 172 -1.86 -20.59 13.17
CA ILE B 172 -1.25 -21.84 12.77
C ILE B 172 -0.02 -22.15 13.60
N GLY B 173 0.25 -21.36 14.64
CA GLY B 173 1.49 -21.51 15.38
C GLY B 173 1.63 -22.87 16.04
N GLY B 174 0.51 -23.50 16.37
CA GLY B 174 0.56 -24.86 16.88
C GLY B 174 1.13 -25.88 15.90
N LEU B 175 1.14 -25.55 14.62
CA LEU B 175 1.72 -26.44 13.62
C LEU B 175 3.08 -25.97 13.12
N GLY B 176 3.44 -24.71 13.36
CA GLY B 176 4.75 -24.20 13.04
C GLY B 176 4.68 -22.78 12.50
N THR B 177 5.79 -22.40 11.83
CA THR B 177 6.07 -21.06 11.28
C THR B 177 6.45 -20.07 12.37
N THR B 178 7.35 -19.15 12.05
CA THR B 178 7.69 -18.02 12.91
C THR B 178 6.93 -16.75 12.51
N HIS B 179 6.28 -16.75 11.35
CA HIS B 179 5.51 -15.67 10.75
C HIS B 179 4.93 -16.20 9.46
N PHE B 180 3.86 -15.57 8.98
CA PHE B 180 3.41 -15.86 7.62
C PHE B 180 2.55 -14.73 7.13
N ALA B 181 2.30 -14.73 5.81
CA ALA B 181 1.59 -13.66 5.11
C ALA B 181 0.30 -14.22 4.56
N PRO B 182 -0.79 -14.16 5.31
CA PRO B 182 -2.06 -14.74 4.84
C PRO B 182 -2.72 -13.87 3.78
N ILE B 183 -3.71 -14.45 3.12
CA ILE B 183 -4.51 -13.76 2.11
C ILE B 183 -5.80 -13.26 2.76
N VAL B 184 -6.21 -12.04 2.37
CA VAL B 184 -7.44 -11.45 2.90
C VAL B 184 -8.66 -12.25 2.44
N ASN B 185 -9.61 -12.43 3.35
CA ASN B 185 -10.84 -13.18 3.08
C ASN B 185 -11.93 -12.20 2.66
N ALA B 186 -12.01 -11.92 1.36
CA ALA B 186 -13.03 -11.00 0.85
C ALA B 186 -14.42 -11.46 1.27
N PRO B 187 -15.35 -10.53 1.55
CA PRO B 187 -15.27 -9.07 1.43
C PRO B 187 -14.70 -8.38 2.66
N GLU B 188 -14.00 -9.09 3.54
CA GLU B 188 -13.27 -8.44 4.61
C GLU B 188 -12.07 -7.69 4.04
N VAL B 189 -11.49 -6.80 4.84
CA VAL B 189 -10.34 -6.01 4.40
C VAL B 189 -9.05 -6.34 5.14
N ALA B 190 -9.08 -7.20 6.14
CA ALA B 190 -7.82 -7.54 6.82
C ALA B 190 -7.95 -8.89 7.50
N ILE B 191 -6.81 -9.53 7.73
CA ILE B 191 -6.73 -10.84 8.37
C ILE B 191 -5.51 -10.83 9.28
N LEU B 192 -5.63 -11.40 10.47
CA LEU B 192 -4.51 -11.52 11.39
C LEU B 192 -3.97 -12.94 11.38
N GLY B 193 -2.69 -13.08 11.05
CA GLY B 193 -2.02 -14.37 11.15
C GLY B 193 -1.29 -14.48 12.49
N VAL B 194 -1.27 -15.69 13.05
CA VAL B 194 -0.62 -15.93 14.34
C VAL B 194 0.28 -17.14 14.20
N SER B 195 1.57 -16.96 14.53
CA SER B 195 2.55 -18.02 14.38
C SER B 195 3.03 -18.46 15.77
N LYS B 196 4.11 -19.23 15.80
CA LYS B 196 4.51 -19.95 17.01
C LYS B 196 5.24 -19.04 17.98
N SER B 197 4.78 -19.02 19.23
CA SER B 197 5.44 -18.20 20.25
C SER B 197 6.79 -18.81 20.62
N ALA B 198 7.69 -17.95 21.12
CA ALA B 198 9.01 -18.39 21.54
C ALA B 198 9.57 -17.45 22.59
N MET B 199 10.27 -18.01 23.58
CA MET B 199 11.06 -17.21 24.51
C MET B 199 12.19 -16.47 23.77
N GLU B 200 12.26 -15.16 23.95
CA GLU B 200 13.26 -14.35 23.29
C GLU B 200 13.88 -13.39 24.31
N PRO B 201 15.15 -13.04 24.12
CA PRO B 201 15.75 -11.98 24.97
C PRO B 201 15.23 -10.62 24.53
N VAL B 202 14.75 -9.84 25.49
CA VAL B 202 14.16 -8.53 25.20
C VAL B 202 14.86 -7.47 26.04
N TRP B 203 15.34 -6.43 25.38
CA TRP B 203 16.07 -5.36 26.05
C TRP B 203 15.14 -4.56 26.96
N ASN B 204 15.57 -4.32 28.20
CA ASN B 204 14.78 -3.53 29.13
C ASN B 204 15.40 -2.18 29.44
N GLY B 205 16.42 -1.76 28.69
CA GLY B 205 17.18 -0.56 28.95
C GLY B 205 18.55 -0.82 29.52
N LYS B 206 18.71 -1.90 30.29
CA LYS B 206 20.00 -2.25 30.88
C LYS B 206 20.46 -3.67 30.56
N GLU B 207 19.56 -4.58 30.19
CA GLU B 207 19.92 -5.97 29.97
C GLU B 207 18.79 -6.66 29.24
N PHE B 208 19.12 -7.83 28.69
CA PHE B 208 18.14 -8.67 28.03
C PHE B 208 17.47 -9.58 29.05
N VAL B 209 16.15 -9.63 29.02
CA VAL B 209 15.40 -10.52 29.91
C VAL B 209 14.56 -11.44 29.04
N PRO B 210 14.38 -12.70 29.45
CA PRO B 210 13.57 -13.63 28.64
C PRO B 210 12.09 -13.27 28.71
N ARG B 211 11.47 -13.14 27.53
CA ARG B 211 10.05 -12.85 27.41
C ARG B 211 9.44 -13.77 26.37
N LEU B 212 8.23 -14.24 26.65
CA LEU B 212 7.48 -15.06 25.71
C LEU B 212 6.87 -14.14 24.66
N MET B 213 7.40 -14.19 23.43
CA MET B 213 6.97 -13.33 22.34
C MET B 213 6.16 -14.11 21.32
N LEU B 214 5.01 -13.54 20.95
CA LEU B 214 4.09 -14.16 20.00
C LEU B 214 4.15 -13.42 18.68
N PRO B 215 4.59 -14.06 17.60
CA PRO B 215 4.64 -13.39 16.30
C PRO B 215 3.26 -13.34 15.67
N ILE B 216 2.88 -12.17 15.21
CA ILE B 216 1.59 -11.98 14.56
C ILE B 216 1.85 -11.26 13.24
N SER B 217 0.89 -11.38 12.34
CA SER B 217 0.97 -10.70 11.06
C SER B 217 -0.41 -10.19 10.67
N LEU B 218 -0.42 -9.12 9.89
CA LEU B 218 -1.66 -8.47 9.47
C LEU B 218 -1.57 -8.21 7.97
N SER B 219 -2.38 -8.92 7.19
CA SER B 219 -2.51 -8.63 5.77
C SER B 219 -3.76 -7.80 5.58
N PHE B 220 -3.69 -6.81 4.70
CA PHE B 220 -4.85 -5.94 4.53
C PHE B 220 -4.96 -5.45 3.09
N ASP B 221 -6.19 -5.07 2.73
CA ASP B 221 -6.55 -4.51 1.43
C ASP B 221 -6.02 -3.07 1.36
N HIS B 222 -4.92 -2.90 0.62
CA HIS B 222 -4.25 -1.60 0.56
C HIS B 222 -5.11 -0.53 -0.12
N ARG B 223 -6.17 -0.93 -0.84
CA ARG B 223 -7.11 0.06 -1.33
C ARG B 223 -7.86 0.77 -0.20
N VAL B 224 -7.94 0.16 0.98
CA VAL B 224 -8.69 0.71 2.09
C VAL B 224 -7.78 1.23 3.19
N ILE B 225 -6.67 0.53 3.44
CA ILE B 225 -5.81 0.76 4.60
C ILE B 225 -4.42 1.11 4.09
N ASP B 226 -3.86 2.23 4.56
CA ASP B 226 -2.49 2.54 4.18
C ASP B 226 -1.53 1.96 5.22
N GLY B 227 -0.23 2.11 4.96
CA GLY B 227 0.76 1.52 5.84
C GLY B 227 0.75 2.09 7.24
N ALA B 228 0.45 3.39 7.37
CA ALA B 228 0.43 4.01 8.68
C ALA B 228 -0.71 3.46 9.53
N ASP B 229 -1.90 3.38 8.97
CA ASP B 229 -3.02 2.85 9.75
C ASP B 229 -2.84 1.37 10.05
N GLY B 230 -2.27 0.62 9.10
CA GLY B 230 -1.93 -0.77 9.38
C GLY B 230 -0.97 -0.90 10.55
N ALA B 231 -0.01 0.02 10.64
CA ALA B 231 0.90 -0.01 11.79
C ALA B 231 0.18 0.32 13.09
N ARG B 232 -0.67 1.34 13.06
CA ARG B 232 -1.46 1.66 14.26
C ARG B 232 -2.32 0.47 14.69
N PHE B 233 -2.92 -0.22 13.72
CA PHE B 233 -3.85 -1.31 14.03
C PHE B 233 -3.13 -2.49 14.65
N ILE B 234 -2.02 -2.93 14.05
CA ILE B 234 -1.32 -4.10 14.59
C ILE B 234 -0.71 -3.76 15.94
N THR B 235 -0.36 -2.48 16.16
CA THR B 235 0.13 -2.07 17.48
C THR B 235 -0.97 -2.13 18.53
N ILE B 236 -2.18 -1.69 18.18
CA ILE B 236 -3.31 -1.80 19.11
C ILE B 236 -3.59 -3.26 19.45
N ILE B 237 -3.61 -4.14 18.43
CA ILE B 237 -3.78 -5.56 18.71
C ILE B 237 -2.67 -6.05 19.64
N ASN B 238 -1.42 -5.76 19.27
CA ASN B 238 -0.26 -6.11 20.08
C ASN B 238 -0.43 -5.68 21.53
N ASN B 239 -0.61 -4.38 21.75
CA ASN B 239 -0.62 -3.87 23.11
C ASN B 239 -1.85 -4.34 23.88
N THR B 240 -3.02 -4.35 23.24
CA THR B 240 -4.23 -4.82 23.91
C THR B 240 -4.10 -6.26 24.36
N LEU B 241 -3.65 -7.14 23.44
CA LEU B 241 -3.46 -8.55 23.78
C LEU B 241 -2.49 -8.71 24.95
N SER B 242 -1.32 -8.07 24.85
CA SER B 242 -0.32 -8.19 25.89
C SER B 242 -0.85 -7.75 27.25
N ASP B 243 -1.76 -6.77 27.27
CA ASP B 243 -2.17 -6.14 28.52
C ASP B 243 -3.34 -6.83 29.23
N ILE B 244 -3.97 -7.83 28.62
CA ILE B 244 -5.18 -8.40 29.22
C ILE B 244 -4.82 -9.12 30.52
N ARG B 245 -5.52 -8.75 31.60
CA ARG B 245 -5.40 -9.40 32.90
C ARG B 245 -6.76 -9.77 33.47
N ARG B 246 -7.83 -9.65 32.71
CA ARG B 246 -9.16 -9.87 33.25
C ARG B 246 -9.88 -10.95 32.45
N LEU B 247 -10.78 -11.65 33.14
CA LEU B 247 -11.74 -12.59 32.59
C LEU B 247 -11.13 -13.98 32.34
N PRO C 3 -14.92 -3.06 -13.14
CA PRO C 3 -14.21 -1.78 -13.20
C PRO C 3 -12.95 -1.83 -14.06
N GLY C 4 -12.81 -0.86 -14.95
CA GLY C 4 -11.69 -0.86 -15.87
C GLY C 4 -10.38 -0.61 -15.15
N MET C 5 -9.34 -1.32 -15.58
CA MET C 5 -8.02 -1.17 -15.00
C MET C 5 -7.33 0.08 -15.55
N LEU C 6 -6.82 0.90 -14.64
CA LEU C 6 -6.05 2.06 -15.05
C LEU C 6 -4.82 1.59 -15.84
N PRO C 7 -4.45 2.27 -16.92
CA PRO C 7 -3.29 1.83 -17.70
C PRO C 7 -1.98 2.25 -17.06
N TRP C 8 -0.90 1.67 -17.57
CA TRP C 8 0.43 1.97 -17.06
C TRP C 8 0.68 3.48 -17.15
N PRO C 9 1.38 4.06 -16.17
CA PRO C 9 1.65 5.50 -16.21
C PRO C 9 2.40 5.90 -17.48
N LYS C 10 2.05 7.06 -18.02
CA LYS C 10 2.73 7.65 -19.15
C LYS C 10 3.51 8.85 -18.61
N VAL C 11 4.81 8.66 -18.39
CA VAL C 11 5.66 9.69 -17.80
C VAL C 11 6.78 10.01 -18.77
N ASP C 12 7.03 11.31 -18.98
CA ASP C 12 8.19 11.79 -19.74
C ASP C 12 9.33 11.90 -18.74
N PHE C 13 10.09 10.81 -18.60
CA PHE C 13 11.18 10.81 -17.64
C PHE C 13 12.31 11.74 -18.05
N SER C 14 12.46 12.02 -19.34
CA SER C 14 13.52 12.90 -19.79
C SER C 14 13.36 14.32 -19.26
N LYS C 15 12.18 14.68 -18.73
CA LYS C 15 12.04 16.00 -18.15
C LYS C 15 12.69 16.10 -16.77
N PHE C 16 13.03 14.96 -16.15
CA PHE C 16 13.72 14.98 -14.86
C PHE C 16 15.22 14.81 -14.97
N GLY C 17 15.76 14.46 -16.13
CA GLY C 17 17.17 14.20 -16.27
C GLY C 17 17.43 13.24 -17.41
N GLU C 18 18.71 12.86 -17.53
CA GLU C 18 19.13 11.98 -18.61
C GLU C 18 18.65 10.55 -18.39
N ILE C 19 18.23 9.90 -19.47
CA ILE C 19 17.76 8.53 -19.42
C ILE C 19 18.37 7.75 -20.56
N GLU C 20 18.37 6.42 -20.41
CA GLU C 20 18.86 5.52 -21.44
C GLU C 20 17.89 4.36 -21.55
N GLU C 21 17.24 4.23 -22.71
CA GLU C 21 16.25 3.18 -22.93
C GLU C 21 16.95 1.96 -23.54
N VAL C 22 16.81 0.80 -22.90
CA VAL C 22 17.45 -0.43 -23.36
C VAL C 22 16.40 -1.51 -23.56
N GLU C 23 16.50 -2.21 -24.69
CA GLU C 23 15.63 -3.34 -24.96
C GLU C 23 16.00 -4.52 -24.07
N LEU C 24 15.01 -5.15 -23.46
CA LEU C 24 15.27 -6.39 -22.73
C LEU C 24 15.73 -7.47 -23.70
N GLY C 25 16.60 -8.34 -23.22
CA GLY C 25 16.94 -9.51 -23.99
C GLY C 25 15.77 -10.47 -24.07
N ARG C 26 15.85 -11.38 -25.05
CA ARG C 26 14.79 -12.38 -25.21
C ARG C 26 14.63 -13.19 -23.93
N ILE C 27 15.73 -13.65 -23.34
CA ILE C 27 15.64 -14.43 -22.10
C ILE C 27 14.92 -13.65 -21.02
N GLN C 28 15.22 -12.35 -20.92
N GLN C 28 15.24 -12.36 -20.91
CA GLN C 28 14.59 -11.54 -19.89
CA GLN C 28 14.61 -11.51 -19.92
C GLN C 28 13.11 -11.31 -20.20
C GLN C 28 13.12 -11.33 -20.21
N LYS C 29 12.76 -11.15 -21.48
CA LYS C 29 11.36 -11.00 -21.86
C LYS C 29 10.54 -12.23 -21.46
N ILE C 30 11.03 -13.43 -21.82
CA ILE C 30 10.31 -14.66 -21.50
C ILE C 30 10.21 -14.85 -19.99
N SER C 31 11.30 -14.58 -19.27
CA SER C 31 11.28 -14.71 -17.82
C SER C 31 10.21 -13.81 -17.19
N GLY C 32 10.16 -12.55 -17.61
CA GLY C 32 9.12 -11.66 -17.12
C GLY C 32 7.72 -12.14 -17.45
N ALA C 33 7.52 -12.62 -18.68
CA ALA C 33 6.21 -13.13 -19.08
C ALA C 33 5.79 -14.31 -18.23
N ASN C 34 6.71 -15.22 -17.94
CA ASN C 34 6.41 -16.35 -17.09
C ASN C 34 6.06 -15.90 -15.68
N LEU C 35 6.80 -14.89 -15.17
CA LEU C 35 6.57 -14.39 -13.82
C LEU C 35 5.26 -13.60 -13.72
N SER C 36 4.94 -12.82 -14.76
CA SER C 36 3.69 -12.06 -14.75
C SER C 36 2.48 -12.99 -14.71
N ARG C 37 2.52 -14.09 -15.47
CA ARG C 37 1.42 -15.04 -15.44
C ARG C 37 1.33 -15.73 -14.08
N ASN C 38 2.48 -16.16 -13.55
CA ASN C 38 2.49 -16.89 -12.28
C ASN C 38 1.92 -16.03 -11.16
N TRP C 39 2.25 -14.74 -11.18
CA TRP C 39 1.83 -13.82 -10.12
C TRP C 39 0.31 -13.67 -10.11
N VAL C 40 -0.32 -13.55 -11.28
CA VAL C 40 -1.75 -13.31 -11.28
C VAL C 40 -2.55 -14.60 -11.16
N MET C 41 -2.05 -15.72 -11.68
CA MET C 41 -2.88 -16.92 -11.56
C MET C 41 -2.63 -17.72 -10.29
N ILE C 42 -1.57 -17.45 -9.53
CA ILE C 42 -1.31 -18.21 -8.31
C ILE C 42 -1.53 -17.29 -7.11
N PRO C 43 -2.56 -17.53 -6.29
CA PRO C 43 -2.68 -16.82 -5.01
C PRO C 43 -1.60 -17.26 -4.04
N HIS C 44 -0.65 -16.37 -3.75
CA HIS C 44 0.54 -16.71 -2.97
C HIS C 44 0.29 -16.54 -1.48
N VAL C 45 0.67 -17.54 -0.70
CA VAL C 45 0.89 -17.35 0.73
C VAL C 45 2.35 -17.69 0.99
N THR C 46 2.98 -16.97 1.92
CA THR C 46 4.37 -17.25 2.27
C THR C 46 4.48 -17.51 3.77
N HIS C 47 5.07 -18.64 4.11
CA HIS C 47 5.42 -19.00 5.49
C HIS C 47 6.89 -18.73 5.74
N PHE C 48 7.21 -18.36 6.97
CA PHE C 48 8.59 -18.13 7.36
C PHE C 48 8.92 -19.05 8.54
N ASP C 49 10.20 -19.41 8.64
CA ASP C 49 10.65 -20.30 9.69
C ASP C 49 12.16 -20.16 9.82
N LYS C 50 12.70 -20.76 10.89
CA LYS C 50 14.13 -20.80 11.16
C LYS C 50 14.45 -22.19 11.64
N THR C 51 15.54 -22.78 11.12
CA THR C 51 15.93 -24.12 11.51
C THR C 51 17.31 -24.09 12.14
N ASP C 52 17.46 -24.86 13.22
CA ASP C 52 18.73 -24.98 13.96
C ASP C 52 19.65 -25.94 13.20
N ILE C 53 20.68 -25.41 12.57
CA ILE C 53 21.62 -26.21 11.78
C ILE C 53 22.97 -26.33 12.48
N THR C 54 23.00 -26.17 13.81
CA THR C 54 24.27 -26.22 14.54
C THR C 54 24.99 -27.55 14.34
N GLU C 55 24.28 -28.65 14.54
CA GLU C 55 24.92 -29.95 14.41
C GLU C 55 25.07 -30.39 12.96
N LEU C 56 24.14 -29.99 12.09
CA LEU C 56 24.28 -30.31 10.67
C LEU C 56 25.55 -29.71 10.10
N GLU C 57 25.85 -28.47 10.45
CA GLU C 57 27.03 -27.80 9.91
C GLU C 57 28.31 -28.45 10.40
N ALA C 58 28.37 -28.83 11.68
CA ALA C 58 29.53 -29.55 12.19
C ALA C 58 29.63 -30.94 11.56
N PHE C 59 28.50 -31.52 11.16
CA PHE C 59 28.52 -32.81 10.48
C PHE C 59 28.97 -32.66 9.02
N ARG C 60 28.46 -31.64 8.33
CA ARG C 60 28.92 -31.37 6.96
C ARG C 60 30.40 -31.07 6.93
N LYS C 61 30.88 -30.23 7.85
CA LYS C 61 32.31 -29.94 7.97
C LYS C 61 33.09 -31.23 8.25
N GLN C 62 32.57 -32.09 9.13
CA GLN C 62 33.26 -33.34 9.43
C GLN C 62 33.27 -34.26 8.22
N GLN C 63 32.16 -34.32 7.48
CA GLN C 63 32.11 -35.20 6.31
C GLN C 63 32.94 -34.66 5.16
N ASN C 64 33.01 -33.34 5.01
CA ASN C 64 33.86 -32.75 3.98
C ASN C 64 35.33 -32.96 4.30
N GLU C 65 35.66 -33.12 5.58
CA GLU C 65 37.02 -33.42 6.00
C GLU C 65 37.35 -34.89 5.78
N GLU C 66 36.39 -35.78 6.08
CA GLU C 66 36.58 -37.20 5.84
C GLU C 66 36.68 -37.50 4.35
N ALA C 67 35.87 -36.82 3.53
CA ALA C 67 35.93 -37.05 2.09
C ALA C 67 37.28 -36.65 1.52
N ALA C 68 37.85 -35.54 2.00
CA ALA C 68 39.17 -35.12 1.55
C ALA C 68 40.25 -36.07 2.07
N LYS C 69 40.08 -36.56 3.30
CA LYS C 69 41.05 -37.50 3.86
C LYS C 69 40.92 -38.89 3.24
N ARG C 70 39.76 -39.21 2.67
CA ARG C 70 39.57 -40.46 1.96
C ARG C 70 39.77 -40.33 0.46
N LYS C 71 40.23 -39.16 0.00
CA LYS C 71 40.45 -38.89 -1.42
C LYS C 71 39.18 -39.06 -2.24
N LEU C 72 38.03 -38.72 -1.66
CA LEU C 72 36.78 -38.84 -2.38
C LEU C 72 36.54 -37.67 -3.34
N ASP C 73 37.24 -36.55 -3.15
CA ASP C 73 37.25 -35.44 -4.10
C ASP C 73 35.82 -34.95 -4.38
N VAL C 74 35.15 -34.56 -3.30
CA VAL C 74 33.77 -34.07 -3.38
C VAL C 74 33.53 -33.16 -2.19
N LYS C 75 33.04 -31.95 -2.47
CA LYS C 75 32.76 -30.97 -1.44
C LYS C 75 31.25 -30.86 -1.26
N ILE C 76 30.79 -31.04 -0.03
CA ILE C 76 29.37 -31.06 0.30
C ILE C 76 28.94 -29.66 0.75
N THR C 77 28.02 -29.06 0.03
CA THR C 77 27.44 -27.77 0.31
C THR C 77 26.16 -27.91 1.12
N PRO C 78 25.75 -26.87 1.83
CA PRO C 78 24.51 -26.98 2.63
C PRO C 78 23.26 -27.26 1.81
N VAL C 79 23.21 -26.85 0.54
CA VAL C 79 21.95 -26.93 -0.18
C VAL C 79 21.59 -28.37 -0.54
N VAL C 80 22.55 -29.29 -0.62
CA VAL C 80 22.17 -30.67 -0.88
C VAL C 80 21.41 -31.26 0.30
N PHE C 81 21.74 -30.85 1.53
CA PHE C 81 20.94 -31.28 2.67
C PHE C 81 19.53 -30.74 2.59
N ILE C 82 19.38 -29.51 2.10
CA ILE C 82 18.05 -28.93 1.96
C ILE C 82 17.26 -29.67 0.90
N MET C 83 17.89 -30.01 -0.23
CA MET C 83 17.17 -30.80 -1.24
C MET C 83 16.64 -32.11 -0.67
N LYS C 84 17.45 -32.82 0.12
CA LYS C 84 16.96 -34.09 0.67
C LYS C 84 15.85 -33.85 1.70
N ALA C 85 15.97 -32.79 2.49
CA ALA C 85 14.90 -32.48 3.44
C ALA C 85 13.60 -32.13 2.73
N VAL C 86 13.69 -31.36 1.64
CA VAL C 86 12.52 -31.07 0.82
C VAL C 86 11.98 -32.35 0.19
N ALA C 87 12.88 -33.18 -0.36
CA ALA C 87 12.46 -34.43 -0.96
C ALA C 87 11.71 -35.31 0.04
N ALA C 88 12.18 -35.35 1.29
CA ALA C 88 11.49 -36.14 2.30
C ALA C 88 10.13 -35.54 2.63
N ALA C 89 10.07 -34.20 2.75
CA ALA C 89 8.79 -33.54 2.96
C ALA C 89 7.83 -33.84 1.83
N LEU C 90 8.32 -33.87 0.60
CA LEU C 90 7.46 -34.18 -0.55
C LEU C 90 6.95 -35.61 -0.48
N GLU C 91 7.75 -36.54 0.06
CA GLU C 91 7.28 -37.91 0.28
C GLU C 91 6.18 -37.95 1.33
N GLN C 92 6.31 -37.16 2.39
CA GLN C 92 5.39 -37.24 3.51
C GLN C 92 4.11 -36.45 3.28
N MET C 93 4.16 -35.38 2.49
CA MET C 93 2.99 -34.57 2.18
C MET C 93 2.87 -34.51 0.66
N PRO C 94 2.39 -35.58 0.02
CA PRO C 94 2.45 -35.68 -1.44
C PRO C 94 1.62 -34.65 -2.17
N ARG C 95 0.76 -33.91 -1.47
CA ARG C 95 -0.01 -32.85 -2.12
C ARG C 95 0.87 -31.66 -2.49
N PHE C 96 2.05 -31.53 -1.89
CA PHE C 96 3.00 -30.52 -2.33
C PHE C 96 3.75 -30.92 -3.60
N ASN C 97 3.78 -32.21 -3.92
CA ASN C 97 4.44 -32.72 -5.11
C ASN C 97 3.40 -32.88 -6.20
N SER C 98 2.97 -31.76 -6.79
CA SER C 98 1.79 -31.81 -7.63
C SER C 98 1.74 -30.57 -8.52
N SER C 99 0.79 -30.58 -9.45
CA SER C 99 0.55 -29.46 -10.34
C SER C 99 -0.94 -29.32 -10.57
N LEU C 100 -1.44 -28.09 -10.42
CA LEU C 100 -2.85 -27.81 -10.64
C LEU C 100 -3.11 -27.54 -12.13
N SER C 101 -4.26 -28.00 -12.60
CA SER C 101 -4.62 -27.81 -14.00
C SER C 101 -4.88 -26.34 -14.31
N GLU C 102 -4.85 -26.01 -15.61
CA GLU C 102 -4.98 -24.63 -16.05
C GLU C 102 -6.29 -24.01 -15.56
N ASP C 103 -7.36 -24.79 -15.55
CA ASP C 103 -8.66 -24.31 -15.07
C ASP C 103 -8.83 -24.44 -13.56
N GLY C 104 -7.76 -24.81 -12.85
CA GLY C 104 -7.80 -24.91 -11.40
C GLY C 104 -8.70 -25.98 -10.83
N GLN C 105 -9.16 -26.94 -11.64
CA GLN C 105 -10.13 -27.92 -11.17
C GLN C 105 -9.52 -29.28 -10.86
N ARG C 106 -8.32 -29.58 -11.34
CA ARG C 106 -7.78 -30.93 -11.23
C ARG C 106 -6.32 -30.87 -10.82
N LEU C 107 -5.96 -31.74 -9.90
CA LEU C 107 -4.60 -31.77 -9.34
C LEU C 107 -3.90 -33.04 -9.79
N THR C 108 -2.75 -32.88 -10.41
CA THR C 108 -1.89 -33.98 -10.81
C THR C 108 -0.91 -34.28 -9.70
N LEU C 109 -1.10 -35.40 -9.02
CA LEU C 109 -0.15 -35.88 -8.02
C LEU C 109 0.98 -36.62 -8.70
N LYS C 110 2.21 -36.23 -8.39
CA LYS C 110 3.40 -36.81 -8.97
C LYS C 110 4.00 -37.85 -8.04
N LYS C 111 4.38 -39.00 -8.59
CA LYS C 111 5.01 -40.06 -7.82
C LYS C 111 6.54 -40.04 -7.96
N TYR C 112 7.07 -39.13 -8.76
CA TYR C 112 8.50 -38.91 -8.90
C TYR C 112 8.85 -37.61 -8.19
N ILE C 113 10.11 -37.45 -7.80
CA ILE C 113 10.54 -36.30 -7.01
C ILE C 113 11.78 -35.70 -7.69
N ASN C 114 11.58 -34.62 -8.42
CA ASN C 114 12.64 -33.83 -9.04
C ASN C 114 12.59 -32.42 -8.48
N ILE C 115 13.76 -31.87 -8.14
CA ILE C 115 13.82 -30.58 -7.45
C ILE C 115 14.71 -29.64 -8.24
N GLY C 116 14.16 -28.49 -8.63
CA GLY C 116 14.95 -27.46 -9.26
C GLY C 116 15.66 -26.62 -8.22
N VAL C 117 16.90 -26.23 -8.54
CA VAL C 117 17.73 -25.46 -7.63
C VAL C 117 18.19 -24.22 -8.38
N ALA C 118 17.91 -23.04 -7.82
CA ALA C 118 18.29 -21.81 -8.50
C ALA C 118 19.79 -21.62 -8.41
N VAL C 119 20.43 -21.38 -9.56
CA VAL C 119 21.86 -21.19 -9.67
C VAL C 119 22.11 -19.87 -10.39
N ASP C 120 23.02 -19.04 -9.85
CA ASP C 120 23.31 -17.73 -10.43
C ASP C 120 24.24 -17.88 -11.62
N THR C 121 24.00 -17.06 -12.64
CA THR C 121 24.80 -17.08 -13.86
C THR C 121 25.10 -15.64 -14.29
N PRO C 122 26.02 -15.42 -15.26
CA PRO C 122 26.16 -14.07 -15.84
C PRO C 122 24.85 -13.49 -16.37
N ASN C 123 23.85 -14.33 -16.63
CA ASN C 123 22.53 -13.86 -17.03
C ASN C 123 21.49 -14.06 -15.92
N GLY C 124 21.92 -14.06 -14.65
CA GLY C 124 20.99 -14.14 -13.54
C GLY C 124 20.68 -15.57 -13.12
N LEU C 125 19.82 -15.68 -12.11
CA LEU C 125 19.43 -16.99 -11.61
C LEU C 125 18.76 -17.82 -12.70
N VAL C 126 19.19 -19.07 -12.83
CA VAL C 126 18.52 -20.09 -13.63
C VAL C 126 18.32 -21.31 -12.75
N VAL C 127 17.40 -22.18 -13.16
CA VAL C 127 16.94 -23.28 -12.30
C VAL C 127 17.07 -24.63 -13.00
N PRO C 128 18.24 -25.25 -12.99
CA PRO C 128 18.32 -26.64 -13.44
C PRO C 128 17.60 -27.58 -12.48
N VAL C 129 17.15 -28.71 -13.02
CA VAL C 129 16.35 -29.67 -12.27
C VAL C 129 17.15 -30.93 -12.01
N PHE C 130 17.14 -31.41 -10.78
CA PHE C 130 17.83 -32.62 -10.37
C PHE C 130 16.81 -33.73 -10.14
N LYS C 131 17.06 -34.90 -10.72
CA LYS C 131 16.03 -35.93 -10.73
C LYS C 131 16.24 -36.96 -9.62
N ASP C 132 15.12 -37.48 -9.11
CA ASP C 132 15.12 -38.57 -8.14
C ASP C 132 15.99 -38.24 -6.92
N VAL C 133 15.74 -37.06 -6.35
CA VAL C 133 16.50 -36.61 -5.19
C VAL C 133 16.28 -37.55 -4.02
N ASN C 134 15.06 -38.05 -3.87
CA ASN C 134 14.73 -38.94 -2.77
C ASN C 134 15.46 -40.28 -2.86
N LYS C 135 15.99 -40.63 -4.03
CA LYS C 135 16.69 -41.90 -4.20
C LYS C 135 18.20 -41.73 -4.31
N LYS C 136 18.71 -40.51 -4.19
CA LYS C 136 20.14 -40.25 -4.33
C LYS C 136 20.73 -39.82 -3.00
N GLY C 137 21.98 -40.23 -2.77
CA GLY C 137 22.68 -39.85 -1.56
C GLY C 137 23.30 -38.47 -1.66
N ILE C 138 23.85 -38.03 -0.53
CA ILE C 138 24.33 -36.65 -0.42
C ILE C 138 25.56 -36.45 -1.30
N ILE C 139 26.46 -37.43 -1.30
CA ILE C 139 27.68 -37.34 -2.11
C ILE C 139 27.33 -37.24 -3.58
N GLU C 140 26.40 -38.09 -4.04
CA GLU C 140 26.04 -38.10 -5.45
C GLU C 140 25.40 -36.79 -5.87
N LEU C 141 24.57 -36.19 -5.00
CA LEU C 141 23.92 -34.96 -5.41
C LEU C 141 24.92 -33.81 -5.46
N SER C 142 25.91 -33.82 -4.57
CA SER C 142 26.93 -32.78 -4.61
C SER C 142 27.69 -32.80 -5.93
N ARG C 143 28.01 -34.00 -6.44
CA ARG C 143 28.70 -34.08 -7.73
C ARG C 143 27.85 -33.46 -8.84
N GLU C 144 26.58 -33.87 -8.95
CA GLU C 144 25.71 -33.27 -9.94
C GLU C 144 25.61 -31.76 -9.75
N LEU C 145 25.49 -31.30 -8.50
CA LEU C 145 25.40 -29.88 -8.23
C LEU C 145 26.62 -29.14 -8.78
N MET C 146 27.81 -29.65 -8.49
CA MET C 146 29.02 -29.00 -8.96
C MET C 146 29.08 -28.99 -10.48
N THR C 147 28.83 -30.14 -11.11
CA THR C 147 28.88 -30.25 -12.56
C THR C 147 27.86 -29.32 -13.21
N ILE C 148 26.61 -29.39 -12.76
CA ILE C 148 25.55 -28.64 -13.42
C ILE C 148 25.63 -27.15 -13.09
N SER C 149 26.11 -26.78 -11.90
CA SER C 149 26.27 -25.37 -11.58
C SER C 149 27.25 -24.70 -12.53
N LYS C 150 28.41 -25.34 -12.76
CA LYS C 150 29.37 -24.81 -13.72
C LYS C 150 28.76 -24.74 -15.12
N LYS C 151 28.01 -25.79 -15.50
CA LYS C 151 27.35 -25.80 -16.80
C LYS C 151 26.38 -24.63 -16.94
N ALA C 152 25.67 -24.32 -15.86
CA ALA C 152 24.75 -23.18 -15.87
C ALA C 152 25.51 -21.87 -16.05
N ARG C 153 26.59 -21.68 -15.29
CA ARG C 153 27.38 -20.46 -15.41
C ARG C 153 27.94 -20.28 -16.82
N ASP C 154 28.25 -21.39 -17.51
CA ASP C 154 28.76 -21.34 -18.86
C ASP C 154 27.69 -21.14 -19.92
N GLY C 155 26.41 -21.09 -19.52
CA GLY C 155 25.34 -20.98 -20.49
C GLY C 155 25.18 -22.20 -21.37
N LYS C 156 25.42 -23.40 -20.83
CA LYS C 156 25.43 -24.61 -21.62
C LYS C 156 24.36 -25.61 -21.19
N LEU C 157 23.40 -25.18 -20.38
CA LEU C 157 22.35 -26.09 -19.95
C LEU C 157 21.49 -26.49 -21.14
N THR C 158 21.09 -27.75 -21.17
CA THR C 158 20.21 -28.23 -22.23
C THR C 158 18.75 -28.07 -21.82
N ALA C 159 17.87 -28.15 -22.81
CA ALA C 159 16.45 -28.14 -22.53
C ALA C 159 16.07 -29.22 -21.53
N GLY C 160 16.65 -30.42 -21.71
CA GLY C 160 16.32 -31.52 -20.82
C GLY C 160 16.75 -31.30 -19.39
N GLU C 161 17.84 -30.57 -19.18
CA GLU C 161 18.33 -30.33 -17.82
C GLU C 161 17.48 -29.34 -17.04
N MET C 162 16.54 -28.65 -17.69
CA MET C 162 15.58 -27.79 -16.99
C MET C 162 14.19 -28.39 -16.89
N GLN C 163 13.97 -29.61 -17.38
CA GLN C 163 12.61 -30.16 -17.41
C GLN C 163 12.32 -30.95 -16.13
N GLY C 164 11.03 -31.19 -15.89
CA GLY C 164 10.59 -32.17 -14.91
C GLY C 164 10.49 -31.72 -13.47
N GLY C 165 10.65 -30.43 -13.19
CA GLY C 165 10.71 -29.97 -11.81
C GLY C 165 9.40 -30.20 -11.07
N CYS C 166 9.53 -30.58 -9.79
CA CYS C 166 8.39 -30.74 -8.89
C CYS C 166 8.31 -29.64 -7.83
N PHE C 167 9.39 -28.92 -7.61
CA PHE C 167 9.55 -28.03 -6.48
C PHE C 167 10.86 -27.29 -6.71
N THR C 168 10.92 -26.02 -6.31
CA THR C 168 12.12 -25.22 -6.51
C THR C 168 12.68 -24.78 -5.17
N ILE C 169 14.01 -24.87 -5.02
CA ILE C 169 14.73 -24.28 -3.90
C ILE C 169 15.53 -23.09 -4.42
N SER C 170 15.34 -21.93 -3.80
CA SER C 170 16.02 -20.71 -4.17
C SER C 170 16.79 -20.18 -2.96
N SER C 171 18.10 -20.43 -2.96
CA SER C 171 18.97 -20.10 -1.83
C SER C 171 19.80 -18.87 -2.19
N ILE C 172 19.45 -17.72 -1.60
CA ILE C 172 20.16 -16.47 -1.87
C ILE C 172 20.95 -16.00 -0.66
N GLY C 173 21.10 -16.86 0.37
CA GLY C 173 21.68 -16.44 1.63
C GLY C 173 23.14 -16.07 1.56
N GLY C 174 23.87 -16.63 0.59
CA GLY C 174 25.24 -16.18 0.40
C GLY C 174 25.36 -14.75 -0.06
N LEU C 175 24.26 -14.16 -0.55
CA LEU C 175 24.26 -12.77 -0.98
C LEU C 175 23.57 -11.83 -0.01
N GLY C 176 22.74 -12.35 0.89
CA GLY C 176 22.15 -11.55 1.94
C GLY C 176 20.71 -11.96 2.19
N THR C 177 20.00 -11.05 2.88
CA THR C 177 18.63 -11.18 3.36
C THR C 177 18.55 -12.04 4.62
N THR C 178 17.60 -11.72 5.49
CA THR C 178 17.25 -12.55 6.62
C THR C 178 16.02 -13.42 6.36
N HIS C 179 15.22 -13.07 5.36
CA HIS C 179 14.13 -13.87 4.85
C HIS C 179 13.74 -13.28 3.50
N PHE C 180 12.99 -14.03 2.71
CA PHE C 180 12.34 -13.42 1.55
C PHE C 180 11.15 -14.25 1.12
N ALA C 181 10.33 -13.66 0.25
CA ALA C 181 9.06 -14.23 -0.20
C ALA C 181 9.14 -14.47 -1.70
N PRO C 182 9.58 -15.63 -2.13
CA PRO C 182 9.73 -15.91 -3.57
C PRO C 182 8.38 -16.12 -4.24
N ILE C 183 8.40 -16.07 -5.58
CA ILE C 183 7.22 -16.41 -6.37
C ILE C 183 7.30 -17.87 -6.83
N VAL C 184 6.15 -18.55 -6.81
CA VAL C 184 6.06 -19.97 -7.16
C VAL C 184 6.36 -20.18 -8.63
N ASN C 185 7.14 -21.22 -8.93
CA ASN C 185 7.59 -21.45 -10.31
C ASN C 185 6.59 -22.42 -10.94
N ALA C 186 5.53 -21.87 -11.51
CA ALA C 186 4.49 -22.68 -12.12
C ALA C 186 5.08 -23.57 -13.21
N PRO C 187 4.57 -24.81 -13.40
CA PRO C 187 3.38 -25.40 -12.78
C PRO C 187 3.58 -26.09 -11.43
N GLU C 188 4.71 -25.87 -10.75
CA GLU C 188 4.86 -26.36 -9.38
C GLU C 188 3.89 -25.61 -8.46
N VAL C 189 3.68 -26.13 -7.26
CA VAL C 189 2.79 -25.49 -6.29
C VAL C 189 3.52 -24.83 -5.13
N ALA C 190 4.81 -25.12 -4.91
CA ALA C 190 5.52 -24.44 -3.83
C ALA C 190 6.99 -24.22 -4.19
N ILE C 191 7.63 -23.31 -3.44
CA ILE C 191 9.03 -22.96 -3.60
C ILE C 191 9.59 -22.63 -2.22
N LEU C 192 10.82 -23.09 -1.95
CA LEU C 192 11.49 -22.82 -0.68
C LEU C 192 12.57 -21.77 -0.91
N GLY C 193 12.52 -20.68 -0.16
CA GLY C 193 13.58 -19.67 -0.15
C GLY C 193 14.50 -19.91 1.05
N VAL C 194 15.79 -19.67 0.85
CA VAL C 194 16.77 -19.85 1.93
C VAL C 194 17.60 -18.57 2.02
N SER C 195 17.67 -18.01 3.23
CA SER C 195 18.36 -16.75 3.46
C SER C 195 19.58 -17.00 4.34
N LYS C 196 20.18 -15.93 4.84
CA LYS C 196 21.50 -16.02 5.48
C LYS C 196 21.40 -16.54 6.92
N SER C 197 22.21 -17.54 7.24
CA SER C 197 22.19 -18.07 8.59
C SER C 197 22.87 -17.11 9.56
N ALA C 198 22.45 -17.15 10.82
CA ALA C 198 23.03 -16.29 11.83
C ALA C 198 23.04 -17.02 13.16
N MET C 199 24.03 -16.72 13.99
CA MET C 199 24.08 -17.30 15.32
C MET C 199 23.10 -16.52 16.19
N GLU C 200 22.19 -17.22 16.85
CA GLU C 200 21.13 -16.56 17.60
C GLU C 200 21.03 -17.13 19.01
N PRO C 201 20.51 -16.34 19.95
CA PRO C 201 20.30 -16.85 21.32
C PRO C 201 19.01 -17.64 21.35
N VAL C 202 19.10 -18.91 21.75
CA VAL C 202 17.94 -19.81 21.74
C VAL C 202 17.69 -20.30 23.15
N TRP C 203 16.45 -20.18 23.60
CA TRP C 203 16.09 -20.55 24.97
C TRP C 203 16.10 -22.07 25.13
N ASN C 204 16.74 -22.55 26.20
CA ASN C 204 16.81 -23.98 26.47
C ASN C 204 16.00 -24.40 27.70
N GLY C 205 15.14 -23.51 28.21
CA GLY C 205 14.36 -23.76 29.40
C GLY C 205 14.80 -22.95 30.61
N LYS C 206 16.07 -22.53 30.65
CA LYS C 206 16.55 -21.78 31.78
C LYS C 206 17.60 -20.75 31.38
N GLU C 207 18.03 -20.77 30.12
CA GLU C 207 19.01 -19.79 29.65
C GLU C 207 19.00 -19.76 28.14
N PHE C 208 19.68 -18.76 27.59
CA PHE C 208 19.84 -18.61 26.15
C PHE C 208 21.20 -19.14 25.74
N VAL C 209 21.22 -20.03 24.75
CA VAL C 209 22.45 -20.65 24.26
C VAL C 209 22.61 -20.25 22.79
N PRO C 210 23.82 -19.99 22.30
CA PRO C 210 23.98 -19.63 20.89
C PRO C 210 23.78 -20.84 19.98
N ARG C 211 22.92 -20.67 18.97
CA ARG C 211 22.64 -21.71 17.99
C ARG C 211 22.65 -21.08 16.60
N LEU C 212 23.17 -21.82 15.63
CA LEU C 212 23.19 -21.37 14.23
C LEU C 212 21.82 -21.63 13.62
N MET C 213 21.07 -20.56 13.38
CA MET C 213 19.72 -20.61 12.83
C MET C 213 19.72 -20.25 11.35
N LEU C 214 19.13 -21.13 10.55
CA LEU C 214 18.98 -20.90 9.12
C LEU C 214 17.56 -20.46 8.84
N PRO C 215 17.37 -19.25 8.30
CA PRO C 215 16.01 -18.81 7.98
C PRO C 215 15.57 -19.35 6.63
N ILE C 216 14.38 -19.93 6.59
CA ILE C 216 13.80 -20.49 5.38
C ILE C 216 12.40 -19.91 5.22
N SER C 217 11.91 -19.96 3.99
CA SER C 217 10.58 -19.46 3.68
C SER C 217 9.93 -20.35 2.63
N LEU C 218 8.60 -20.43 2.67
CA LEU C 218 7.86 -21.33 1.80
C LEU C 218 6.70 -20.54 1.20
N SER C 219 6.76 -20.29 -0.10
CA SER C 219 5.63 -19.71 -0.82
C SER C 219 4.89 -20.81 -1.54
N PHE C 220 3.57 -20.74 -1.54
CA PHE C 220 2.79 -21.84 -2.10
C PHE C 220 1.49 -21.34 -2.71
N ASP C 221 0.99 -22.13 -3.67
CA ASP C 221 -0.29 -21.89 -4.32
C ASP C 221 -1.41 -22.19 -3.32
N HIS C 222 -2.09 -21.14 -2.88
CA HIS C 222 -3.12 -21.27 -1.85
C HIS C 222 -4.36 -22.01 -2.35
N ARG C 223 -4.54 -22.11 -3.67
CA ARG C 223 -5.61 -22.93 -4.20
C ARG C 223 -5.40 -24.41 -3.89
N VAL C 224 -4.16 -24.81 -3.64
CA VAL C 224 -3.81 -26.21 -3.42
C VAL C 224 -3.54 -26.50 -1.95
N ILE C 225 -2.82 -25.60 -1.29
CA ILE C 225 -2.28 -25.80 0.04
C ILE C 225 -2.90 -24.78 0.98
N ASP C 226 -3.49 -25.24 2.08
CA ASP C 226 -4.00 -24.27 3.06
C ASP C 226 -2.92 -23.93 4.10
N GLY C 227 -3.21 -22.95 4.95
CA GLY C 227 -2.19 -22.44 5.84
C GLY C 227 -1.66 -23.48 6.81
N ALA C 228 -2.53 -24.40 7.25
CA ALA C 228 -2.10 -25.42 8.21
C ALA C 228 -1.18 -26.44 7.56
N ASP C 229 -1.48 -26.87 6.33
CA ASP C 229 -0.58 -27.80 5.65
C ASP C 229 0.75 -27.16 5.29
N GLY C 230 0.72 -25.86 4.95
CA GLY C 230 1.98 -25.15 4.76
C GLY C 230 2.85 -25.17 6.00
N ALA C 231 2.25 -24.95 7.18
CA ALA C 231 3.01 -25.00 8.42
C ALA C 231 3.55 -26.41 8.68
N ARG C 232 2.73 -27.44 8.45
CA ARG C 232 3.20 -28.81 8.61
C ARG C 232 4.40 -29.09 7.72
N PHE C 233 4.35 -28.58 6.48
CA PHE C 233 5.39 -28.84 5.50
C PHE C 233 6.69 -28.14 5.89
N ILE C 234 6.63 -26.84 6.19
CA ILE C 234 7.87 -26.15 6.55
C ILE C 234 8.42 -26.73 7.85
N THR C 235 7.56 -27.20 8.74
CA THR C 235 8.01 -27.83 9.98
C THR C 235 8.77 -29.12 9.71
N ILE C 236 8.31 -29.92 8.74
CA ILE C 236 9.01 -31.17 8.42
C ILE C 236 10.40 -30.88 7.88
N ILE C 237 10.50 -29.92 6.95
CA ILE C 237 11.82 -29.51 6.44
C ILE C 237 12.71 -29.05 7.59
N ASN C 238 12.17 -28.18 8.45
CA ASN C 238 12.89 -27.72 9.64
C ASN C 238 13.41 -28.89 10.46
N ASN C 239 12.52 -29.78 10.87
CA ASN C 239 12.91 -30.88 11.76
C ASN C 239 13.88 -31.82 11.07
N THR C 240 13.68 -32.09 9.77
CA THR C 240 14.56 -33.03 9.06
C THR C 240 15.95 -32.43 8.88
N LEU C 241 16.00 -31.14 8.53
CA LEU C 241 17.29 -30.50 8.31
C LEU C 241 18.09 -30.40 9.59
N SER C 242 17.40 -30.15 10.71
CA SER C 242 18.03 -29.99 12.00
C SER C 242 18.37 -31.32 12.67
N ASP C 243 18.10 -32.45 12.00
CA ASP C 243 18.34 -33.76 12.60
C ASP C 243 19.23 -34.65 11.74
N ILE C 244 19.67 -34.19 10.58
CA ILE C 244 20.41 -35.05 9.66
C ILE C 244 21.79 -35.32 10.22
N ARG C 245 22.16 -36.61 10.31
CA ARG C 245 23.50 -36.99 10.75
C ARG C 245 24.08 -38.12 9.90
N ARG C 246 23.52 -38.38 8.73
CA ARG C 246 24.00 -39.45 7.86
C ARG C 246 24.42 -38.89 6.51
N LEU C 247 25.10 -39.72 5.73
CA LEU C 247 25.59 -39.38 4.40
C LEU C 247 26.61 -38.25 4.42
N PRO D 3 -0.85 61.96 -28.10
CA PRO D 3 -1.68 60.87 -27.56
C PRO D 3 -3.11 61.32 -27.31
N GLY D 4 -3.68 62.05 -28.27
CA GLY D 4 -5.03 62.57 -28.11
C GLY D 4 -6.06 61.49 -28.34
N MET D 5 -6.94 61.30 -27.37
CA MET D 5 -8.02 60.35 -27.54
C MET D 5 -9.01 60.93 -28.55
N LEU D 6 -9.33 60.16 -29.58
CA LEU D 6 -10.33 60.68 -30.50
C LEU D 6 -11.60 61.02 -29.73
N PRO D 7 -12.11 62.27 -29.80
CA PRO D 7 -13.37 62.60 -29.13
C PRO D 7 -14.44 61.54 -29.33
N TRP D 8 -15.24 61.30 -28.29
CA TRP D 8 -16.29 60.30 -28.36
C TRP D 8 -17.21 60.64 -29.55
N PRO D 9 -17.65 59.63 -30.30
CA PRO D 9 -18.48 59.88 -31.49
C PRO D 9 -19.87 60.38 -31.10
N LYS D 10 -20.20 61.59 -31.51
CA LYS D 10 -21.52 62.16 -31.27
C LYS D 10 -22.29 62.25 -32.59
N VAL D 11 -23.54 61.80 -32.57
CA VAL D 11 -24.41 61.89 -33.73
C VAL D 11 -25.84 62.07 -33.22
N ASP D 12 -26.59 62.95 -33.89
CA ASP D 12 -27.99 63.13 -33.57
C ASP D 12 -28.76 61.92 -34.08
N PHE D 13 -29.24 61.09 -33.17
CA PHE D 13 -29.90 59.85 -33.54
C PHE D 13 -31.35 60.06 -33.97
N SER D 14 -31.92 61.25 -33.73
CA SER D 14 -33.29 61.52 -34.15
C SER D 14 -33.42 61.59 -35.66
N LYS D 15 -32.32 61.84 -36.37
CA LYS D 15 -32.36 61.93 -37.82
C LYS D 15 -32.48 60.57 -38.50
N PHE D 16 -32.56 59.49 -37.73
CA PHE D 16 -32.84 58.18 -38.28
C PHE D 16 -34.15 57.58 -37.76
N GLY D 17 -34.76 58.16 -36.73
CA GLY D 17 -36.01 57.66 -36.21
C GLY D 17 -36.28 58.21 -34.83
N GLU D 18 -37.29 57.62 -34.19
CA GLU D 18 -37.66 58.03 -32.83
C GLU D 18 -36.57 57.62 -31.84
N ILE D 19 -36.22 58.54 -30.95
CA ILE D 19 -35.29 58.28 -29.87
C ILE D 19 -35.91 58.73 -28.55
N GLU D 20 -35.28 58.30 -27.45
CA GLU D 20 -35.67 58.74 -26.12
C GLU D 20 -34.41 58.78 -25.26
N GLU D 21 -33.91 59.97 -24.99
CA GLU D 21 -32.74 60.16 -24.14
C GLU D 21 -33.19 60.11 -22.69
N VAL D 22 -32.80 59.06 -21.98
CA VAL D 22 -33.20 58.88 -20.59
C VAL D 22 -31.98 59.13 -19.69
N GLU D 23 -32.25 59.44 -18.44
CA GLU D 23 -31.20 59.68 -17.45
C GLU D 23 -30.81 58.37 -16.79
N LEU D 24 -29.50 58.15 -16.64
CA LEU D 24 -29.02 56.96 -15.97
C LEU D 24 -29.32 57.03 -14.47
N GLY D 25 -29.28 55.87 -13.82
CA GLY D 25 -29.55 55.78 -12.39
C GLY D 25 -28.27 55.93 -11.58
N ARG D 26 -28.39 56.63 -10.44
CA ARG D 26 -27.25 56.86 -9.57
C ARG D 26 -26.57 55.55 -9.19
N ILE D 27 -27.35 54.57 -8.72
CA ILE D 27 -26.81 53.26 -8.36
C ILE D 27 -26.22 52.53 -9.56
N GLN D 28 -26.41 53.07 -10.78
CA GLN D 28 -25.77 52.54 -11.96
C GLN D 28 -24.69 53.45 -12.53
N LYS D 29 -24.58 54.69 -12.04
CA LYS D 29 -23.47 55.55 -12.45
C LYS D 29 -22.17 55.09 -11.79
N ILE D 30 -22.15 54.99 -10.46
CA ILE D 30 -20.95 54.56 -9.76
C ILE D 30 -20.57 53.15 -10.16
N SER D 31 -21.55 52.28 -10.42
CA SER D 31 -21.26 50.93 -10.89
C SER D 31 -20.52 50.98 -12.22
N GLY D 32 -21.02 51.75 -13.18
CA GLY D 32 -20.34 51.89 -14.45
C GLY D 32 -18.99 52.55 -14.31
N ALA D 33 -18.87 53.54 -13.41
CA ALA D 33 -17.60 54.20 -13.18
C ALA D 33 -16.58 53.24 -12.57
N ASN D 34 -17.02 52.37 -11.65
CA ASN D 34 -16.15 51.33 -11.12
C ASN D 34 -15.65 50.42 -12.23
N LEU D 35 -16.57 49.91 -13.06
CA LEU D 35 -16.19 49.06 -14.18
C LEU D 35 -15.26 49.80 -15.13
N SER D 36 -15.34 51.13 -15.17
CA SER D 36 -14.47 51.90 -16.05
C SER D 36 -13.00 51.72 -15.70
N ARG D 37 -12.61 52.08 -14.47
CA ARG D 37 -11.20 51.98 -14.11
C ARG D 37 -10.74 50.53 -14.02
N ASN D 38 -11.63 49.60 -13.67
CA ASN D 38 -11.28 48.18 -13.71
C ASN D 38 -10.74 47.79 -15.09
N TRP D 39 -11.43 48.24 -16.15
CA TRP D 39 -11.04 47.88 -17.51
C TRP D 39 -9.67 48.45 -17.89
N VAL D 40 -9.38 49.68 -17.46
CA VAL D 40 -8.16 50.38 -17.84
C VAL D 40 -6.98 50.18 -16.90
N MET D 41 -7.21 49.75 -15.66
CA MET D 41 -6.12 49.51 -14.73
C MET D 41 -5.73 48.05 -14.63
N ILE D 42 -6.66 47.14 -14.86
CA ILE D 42 -6.40 45.71 -14.74
C ILE D 42 -6.19 45.10 -16.12
N PRO D 43 -4.94 44.82 -16.51
CA PRO D 43 -4.73 44.05 -17.75
C PRO D 43 -5.36 42.68 -17.62
N HIS D 44 -6.43 42.45 -18.37
CA HIS D 44 -7.23 41.25 -18.19
C HIS D 44 -6.68 40.09 -19.02
N VAL D 45 -6.68 38.91 -18.42
CA VAL D 45 -6.45 37.66 -19.13
C VAL D 45 -7.50 36.67 -18.66
N THR D 46 -8.15 35.98 -19.59
CA THR D 46 -9.21 35.04 -19.26
C THR D 46 -8.85 33.65 -19.75
N HIS D 47 -9.09 32.65 -18.89
CA HIS D 47 -8.90 31.24 -19.21
C HIS D 47 -10.25 30.55 -19.26
N PHE D 48 -10.33 29.47 -20.03
CA PHE D 48 -11.57 28.73 -20.16
C PHE D 48 -11.29 27.25 -19.89
N ASP D 49 -12.28 26.58 -19.29
CA ASP D 49 -12.17 25.15 -19.02
C ASP D 49 -13.58 24.58 -18.83
N LYS D 50 -13.66 23.26 -18.73
CA LYS D 50 -14.91 22.56 -18.45
C LYS D 50 -14.64 21.50 -17.39
N THR D 51 -15.60 21.31 -16.48
CA THR D 51 -15.44 20.39 -15.37
C THR D 51 -16.52 19.32 -15.38
N ASP D 52 -16.11 18.08 -15.15
CA ASP D 52 -17.03 16.93 -15.18
C ASP D 52 -17.79 16.89 -13.85
N ILE D 53 -19.04 17.33 -13.88
CA ILE D 53 -19.84 17.39 -12.65
C ILE D 53 -20.96 16.36 -12.72
N THR D 54 -20.73 15.27 -13.45
CA THR D 54 -21.74 14.22 -13.55
C THR D 54 -22.01 13.59 -12.19
N GLU D 55 -20.96 13.19 -11.47
CA GLU D 55 -21.16 12.55 -10.17
C GLU D 55 -21.64 13.55 -9.13
N LEU D 56 -21.17 14.80 -9.19
CA LEU D 56 -21.59 15.80 -8.21
C LEU D 56 -23.07 16.10 -8.33
N GLU D 57 -23.58 16.18 -9.57
CA GLU D 57 -24.99 16.50 -9.78
C GLU D 57 -25.88 15.37 -9.25
N ALA D 58 -25.53 14.12 -9.56
CA ALA D 58 -26.29 12.99 -9.03
C ALA D 58 -26.27 13.00 -7.51
N PHE D 59 -25.16 13.41 -6.91
CA PHE D 59 -25.08 13.51 -5.46
C PHE D 59 -25.89 14.69 -4.94
N ARG D 60 -25.84 15.82 -5.64
CA ARG D 60 -26.63 16.99 -5.24
C ARG D 60 -28.12 16.68 -5.27
N LYS D 61 -28.59 16.13 -6.39
CA LYS D 61 -30.01 15.80 -6.51
C LYS D 61 -30.42 14.74 -5.49
N GLN D 62 -29.53 13.78 -5.22
CA GLN D 62 -29.83 12.79 -4.19
C GLN D 62 -29.92 13.45 -2.82
N GLN D 63 -29.03 14.40 -2.53
CA GLN D 63 -29.10 15.12 -1.27
C GLN D 63 -30.36 15.99 -1.20
N ASN D 64 -30.71 16.64 -2.31
CA ASN D 64 -31.93 17.43 -2.35
C ASN D 64 -33.15 16.58 -2.09
N GLU D 65 -33.26 15.44 -2.78
CA GLU D 65 -34.46 14.61 -2.65
C GLU D 65 -34.62 14.09 -1.23
N GLU D 66 -33.56 13.51 -0.66
CA GLU D 66 -33.63 13.07 0.73
C GLU D 66 -34.01 14.21 1.66
N ALA D 67 -33.48 15.41 1.43
CA ALA D 67 -33.89 16.56 2.22
C ALA D 67 -35.36 16.87 2.02
N ALA D 68 -35.87 16.73 0.79
CA ALA D 68 -37.29 16.94 0.54
C ALA D 68 -38.14 15.84 1.14
N LYS D 69 -37.62 14.60 1.19
CA LYS D 69 -38.32 13.54 1.89
C LYS D 69 -38.41 13.82 3.39
N ARG D 70 -37.39 14.45 3.96
CA ARG D 70 -37.35 14.73 5.40
C ARG D 70 -37.85 16.13 5.75
N LYS D 71 -38.28 16.93 4.77
CA LYS D 71 -38.80 18.27 5.00
C LYS D 71 -37.77 19.13 5.74
N LEU D 72 -36.64 19.37 5.08
CA LEU D 72 -35.46 19.90 5.75
C LEU D 72 -35.23 21.40 5.54
N ASP D 73 -36.08 22.06 4.75
CA ASP D 73 -36.02 23.52 4.58
C ASP D 73 -34.66 23.98 4.06
N VAL D 74 -34.10 23.22 3.11
CA VAL D 74 -32.83 23.59 2.51
C VAL D 74 -32.67 22.90 1.17
N LYS D 75 -32.26 23.66 0.15
CA LYS D 75 -31.93 23.11 -1.15
C LYS D 75 -30.50 23.49 -1.50
N ILE D 76 -29.71 22.49 -1.88
CA ILE D 76 -28.33 22.70 -2.29
C ILE D 76 -28.30 23.04 -3.78
N THR D 77 -27.84 24.25 -4.10
CA THR D 77 -27.66 24.66 -5.49
C THR D 77 -26.23 24.36 -5.92
N PRO D 78 -25.98 24.30 -7.23
CA PRO D 78 -24.60 24.05 -7.69
C PRO D 78 -23.59 25.08 -7.21
N VAL D 79 -24.01 26.33 -6.97
CA VAL D 79 -23.05 27.39 -6.73
C VAL D 79 -22.29 27.21 -5.42
N VAL D 80 -22.91 26.61 -4.39
CA VAL D 80 -22.21 26.51 -3.12
C VAL D 80 -21.08 25.50 -3.21
N PHE D 81 -21.23 24.44 -4.02
CA PHE D 81 -20.09 23.57 -4.27
C PHE D 81 -18.96 24.34 -4.95
N ILE D 82 -19.30 25.29 -5.81
CA ILE D 82 -18.28 26.08 -6.49
C ILE D 82 -17.56 26.99 -5.50
N MET D 83 -18.31 27.57 -4.55
CA MET D 83 -17.69 28.42 -3.54
C MET D 83 -16.64 27.66 -2.73
N LYS D 84 -16.98 26.46 -2.26
CA LYS D 84 -16.01 25.69 -1.49
C LYS D 84 -14.82 25.26 -2.34
N ALA D 85 -15.04 25.00 -3.63
CA ALA D 85 -13.94 24.69 -4.53
C ALA D 85 -13.04 25.91 -4.71
N VAL D 86 -13.63 27.07 -4.97
CA VAL D 86 -12.86 28.30 -5.06
C VAL D 86 -12.12 28.57 -3.75
N ALA D 87 -12.80 28.37 -2.62
CA ALA D 87 -12.18 28.61 -1.33
C ALA D 87 -10.95 27.74 -1.12
N ALA D 88 -11.08 26.43 -1.39
CA ALA D 88 -9.93 25.55 -1.29
C ALA D 88 -8.82 25.98 -2.25
N ALA D 89 -9.20 26.46 -3.43
CA ALA D 89 -8.20 26.93 -4.38
C ALA D 89 -7.49 28.18 -3.87
N LEU D 90 -8.21 29.06 -3.17
CA LEU D 90 -7.59 30.23 -2.57
C LEU D 90 -6.67 29.86 -1.42
N GLU D 91 -6.84 28.66 -0.86
CA GLU D 91 -5.90 28.16 0.14
C GLU D 91 -4.64 27.61 -0.51
N GLN D 92 -4.80 26.82 -1.58
CA GLN D 92 -3.64 26.19 -2.22
C GLN D 92 -2.75 27.22 -2.89
N MET D 93 -3.34 28.26 -3.46
CA MET D 93 -2.58 29.31 -4.14
C MET D 93 -2.93 30.64 -3.49
N PRO D 94 -2.20 31.03 -2.44
CA PRO D 94 -2.57 32.24 -1.68
C PRO D 94 -2.54 33.51 -2.49
N ARG D 95 -1.71 33.57 -3.54
CA ARG D 95 -1.59 34.80 -4.31
C ARG D 95 -2.89 35.17 -5.02
N PHE D 96 -3.79 34.22 -5.23
CA PHE D 96 -5.11 34.53 -5.75
C PHE D 96 -5.98 35.22 -4.71
N ASN D 97 -5.65 35.07 -3.43
CA ASN D 97 -6.40 35.70 -2.34
C ASN D 97 -5.66 36.96 -1.90
N SER D 98 -5.67 37.95 -2.79
CA SER D 98 -4.79 39.10 -2.58
C SER D 98 -5.33 40.31 -3.33
N SER D 99 -4.86 41.48 -2.91
CA SER D 99 -5.26 42.76 -3.49
C SER D 99 -4.01 43.59 -3.76
N LEU D 100 -3.91 44.13 -4.97
CA LEU D 100 -2.75 44.94 -5.35
C LEU D 100 -2.90 46.37 -4.84
N SER D 101 -1.79 47.10 -4.84
CA SER D 101 -1.77 48.46 -4.35
C SER D 101 -2.25 49.43 -5.42
N GLU D 102 -2.34 50.71 -5.06
CA GLU D 102 -2.81 51.73 -5.99
C GLU D 102 -1.83 51.91 -7.15
N ASP D 103 -0.53 51.74 -6.89
CA ASP D 103 0.50 51.91 -7.90
C ASP D 103 1.21 50.62 -8.26
N GLY D 104 0.79 49.49 -7.70
CA GLY D 104 1.40 48.21 -8.04
C GLY D 104 2.76 47.99 -7.43
N GLN D 105 3.00 48.51 -6.22
CA GLN D 105 4.26 48.28 -5.51
C GLN D 105 4.15 47.18 -4.46
N ARG D 106 3.00 47.07 -3.78
CA ARG D 106 2.80 46.07 -2.74
C ARG D 106 1.63 45.17 -3.13
N LEU D 107 1.69 43.93 -2.65
CA LEU D 107 0.62 42.97 -2.86
C LEU D 107 0.15 42.50 -1.49
N THR D 108 -1.05 42.92 -1.09
CA THR D 108 -1.60 42.58 0.23
C THR D 108 -2.18 41.17 0.17
N LEU D 109 -1.51 40.22 0.83
CA LEU D 109 -2.01 38.86 0.91
C LEU D 109 -2.98 38.76 2.09
N LYS D 110 -4.10 38.08 1.85
CA LYS D 110 -5.17 37.98 2.83
C LYS D 110 -5.28 36.54 3.34
N LYS D 111 -5.53 36.41 4.64
CA LYS D 111 -5.68 35.10 5.26
C LYS D 111 -7.13 34.70 5.47
N TYR D 112 -8.04 35.66 5.46
CA TYR D 112 -9.46 35.36 5.46
C TYR D 112 -9.92 35.05 4.04
N ILE D 113 -10.91 34.18 3.92
CA ILE D 113 -11.47 33.79 2.63
C ILE D 113 -12.95 34.16 2.63
N ASN D 114 -13.26 35.30 2.00
CA ASN D 114 -14.63 35.73 1.80
C ASN D 114 -14.89 35.77 0.30
N ILE D 115 -15.96 35.10 -0.14
CA ILE D 115 -16.25 34.97 -1.56
C ILE D 115 -17.60 35.62 -1.84
N GLY D 116 -17.61 36.56 -2.78
CA GLY D 116 -18.83 37.19 -3.21
C GLY D 116 -19.45 36.45 -4.39
N VAL D 117 -20.77 36.37 -4.39
CA VAL D 117 -21.52 35.62 -5.40
C VAL D 117 -22.51 36.56 -6.07
N ALA D 118 -22.46 36.61 -7.41
CA ALA D 118 -23.37 37.46 -8.15
C ALA D 118 -24.81 36.97 -7.99
N VAL D 119 -25.71 37.89 -7.62
CA VAL D 119 -27.12 37.61 -7.44
C VAL D 119 -27.92 38.69 -8.16
N ASP D 120 -28.82 38.27 -9.04
CA ASP D 120 -29.58 39.21 -9.85
C ASP D 120 -30.71 39.83 -9.04
N THR D 121 -30.92 41.13 -9.25
CA THR D 121 -31.99 41.89 -8.63
C THR D 121 -32.67 42.76 -9.68
N PRO D 122 -33.93 43.15 -9.45
CA PRO D 122 -34.59 44.14 -10.31
C PRO D 122 -33.75 45.34 -10.71
N ASN D 123 -32.85 45.78 -9.84
CA ASN D 123 -31.97 46.90 -10.12
C ASN D 123 -30.59 46.46 -10.58
N GLY D 124 -30.45 45.23 -11.04
CA GLY D 124 -29.21 44.73 -11.61
C GLY D 124 -28.58 43.64 -10.75
N LEU D 125 -27.50 43.08 -11.31
CA LEU D 125 -26.77 42.03 -10.63
C LEU D 125 -25.98 42.62 -9.47
N VAL D 126 -26.23 42.11 -8.26
CA VAL D 126 -25.47 42.50 -7.08
C VAL D 126 -24.59 41.33 -6.65
N VAL D 127 -23.59 41.65 -5.84
CA VAL D 127 -22.67 40.62 -5.32
C VAL D 127 -22.51 40.75 -3.81
N PRO D 128 -23.32 40.05 -3.02
CA PRO D 128 -23.05 39.96 -1.58
C PRO D 128 -21.88 39.03 -1.30
N VAL D 129 -21.27 39.22 -0.12
CA VAL D 129 -20.05 38.52 0.26
C VAL D 129 -20.38 37.55 1.38
N PHE D 130 -19.91 36.31 1.24
CA PHE D 130 -20.07 35.27 2.25
C PHE D 130 -18.72 35.05 2.91
N LYS D 131 -18.66 35.27 4.23
CA LYS D 131 -17.40 35.19 4.95
C LYS D 131 -17.10 33.76 5.40
N ASP D 132 -15.81 33.43 5.47
CA ASP D 132 -15.34 32.18 6.06
C ASP D 132 -15.86 30.97 5.29
N VAL D 133 -15.78 31.04 3.96
CA VAL D 133 -16.29 29.96 3.12
C VAL D 133 -15.52 28.67 3.38
N ASN D 134 -14.22 28.78 3.63
CA ASN D 134 -13.40 27.59 3.88
C ASN D 134 -13.74 26.90 5.19
N LYS D 135 -14.51 27.55 6.06
CA LYS D 135 -14.84 27.01 7.37
C LYS D 135 -16.32 26.65 7.52
N LYS D 136 -17.15 26.94 6.53
CA LYS D 136 -18.57 26.64 6.58
C LYS D 136 -18.91 25.51 5.61
N GLY D 137 -19.80 24.62 6.05
CA GLY D 137 -20.18 23.49 5.24
C GLY D 137 -21.16 23.84 4.15
N ILE D 138 -21.60 22.81 3.43
CA ILE D 138 -22.54 23.01 2.32
C ILE D 138 -23.92 23.42 2.84
N ILE D 139 -24.40 22.74 3.87
CA ILE D 139 -25.73 23.07 4.42
C ILE D 139 -25.74 24.50 4.95
N GLU D 140 -24.74 24.86 5.76
CA GLU D 140 -24.69 26.22 6.30
C GLU D 140 -24.60 27.24 5.18
N LEU D 141 -23.71 27.02 4.22
CA LEU D 141 -23.57 27.98 3.12
C LEU D 141 -24.85 28.05 2.29
N SER D 142 -25.47 26.90 2.00
CA SER D 142 -26.72 26.89 1.25
C SER D 142 -27.78 27.72 1.95
N ARG D 143 -27.87 27.60 3.28
CA ARG D 143 -28.84 28.37 4.03
C ARG D 143 -28.55 29.86 3.96
N GLU D 144 -27.27 30.24 4.03
CA GLU D 144 -26.92 31.65 3.84
C GLU D 144 -27.25 32.12 2.44
N LEU D 145 -27.02 31.27 1.44
CA LEU D 145 -27.30 31.65 0.06
C LEU D 145 -28.79 31.94 -0.14
N MET D 146 -29.65 31.06 0.36
CA MET D 146 -31.08 31.31 0.29
C MET D 146 -31.43 32.62 0.99
N THR D 147 -30.88 32.82 2.20
CA THR D 147 -31.23 34.00 2.98
C THR D 147 -30.73 35.27 2.31
N ILE D 148 -29.45 35.32 1.94
CA ILE D 148 -28.88 36.57 1.44
C ILE D 148 -29.40 36.90 0.05
N SER D 149 -29.73 35.89 -0.76
CA SER D 149 -30.23 36.17 -2.10
C SER D 149 -31.61 36.83 -2.05
N LYS D 150 -32.44 36.46 -1.07
CA LYS D 150 -33.71 37.16 -0.91
C LYS D 150 -33.50 38.60 -0.47
N LYS D 151 -32.58 38.82 0.47
CA LYS D 151 -32.29 40.19 0.91
C LYS D 151 -31.83 41.06 -0.25
N ALA D 152 -31.10 40.49 -1.20
CA ALA D 152 -30.65 41.25 -2.36
C ALA D 152 -31.80 41.59 -3.28
N ARG D 153 -32.68 40.61 -3.56
CA ARG D 153 -33.82 40.86 -4.44
C ARG D 153 -34.79 41.87 -3.87
N ASP D 154 -34.77 42.10 -2.55
CA ASP D 154 -35.66 43.06 -1.90
C ASP D 154 -34.97 44.39 -1.65
N GLY D 155 -33.84 44.65 -2.31
CA GLY D 155 -33.10 45.88 -2.09
C GLY D 155 -32.66 46.08 -0.65
N LYS D 156 -32.41 45.00 0.08
CA LYS D 156 -32.14 45.04 1.51
C LYS D 156 -30.77 44.45 1.79
N LEU D 157 -29.72 45.19 1.40
CA LEU D 157 -28.34 44.80 1.70
C LEU D 157 -27.60 45.98 2.31
N THR D 158 -26.97 45.74 3.46
CA THR D 158 -26.08 46.75 4.02
C THR D 158 -24.73 46.70 3.30
N ALA D 159 -23.97 47.79 3.44
CA ALA D 159 -22.66 47.83 2.80
C ALA D 159 -21.72 46.76 3.34
N GLY D 160 -21.91 46.36 4.61
CA GLY D 160 -21.08 45.33 5.19
C GLY D 160 -21.27 43.97 4.54
N GLU D 161 -22.50 43.65 4.12
CA GLU D 161 -22.77 42.39 3.44
C GLU D 161 -22.26 42.35 2.01
N MET D 162 -21.50 43.35 1.57
CA MET D 162 -20.85 43.34 0.27
C MET D 162 -19.38 43.72 0.35
N GLN D 163 -18.82 43.82 1.56
CA GLN D 163 -17.41 44.09 1.77
C GLN D 163 -16.69 42.83 2.23
N GLY D 164 -15.37 42.92 2.30
CA GLY D 164 -14.55 41.79 2.69
C GLY D 164 -14.26 40.81 1.58
N GLY D 165 -14.77 41.05 0.38
CA GLY D 165 -14.63 40.13 -0.72
C GLY D 165 -13.19 39.85 -1.12
N CYS D 166 -12.85 38.56 -1.18
CA CYS D 166 -11.55 38.13 -1.68
C CYS D 166 -11.61 37.66 -3.12
N PHE D 167 -12.78 37.26 -3.60
CA PHE D 167 -12.97 36.62 -4.89
C PHE D 167 -14.45 36.67 -5.23
N THR D 168 -14.76 36.79 -6.52
CA THR D 168 -16.13 36.86 -6.99
C THR D 168 -16.44 35.70 -7.94
N ILE D 169 -17.60 35.09 -7.74
CA ILE D 169 -18.17 34.11 -8.65
C ILE D 169 -19.41 34.73 -9.29
N SER D 170 -19.50 34.64 -10.61
CA SER D 170 -20.64 35.15 -11.37
C SER D 170 -21.19 34.00 -12.21
N SER D 171 -22.29 33.39 -11.74
CA SER D 171 -22.91 32.27 -12.43
C SER D 171 -24.14 32.75 -13.19
N ILE D 172 -24.07 32.70 -14.52
CA ILE D 172 -25.18 33.11 -15.38
C ILE D 172 -25.65 31.96 -16.27
N GLY D 173 -25.20 30.73 -16.00
CA GLY D 173 -25.57 29.61 -16.83
C GLY D 173 -27.05 29.29 -16.82
N GLY D 174 -27.74 29.59 -15.71
CA GLY D 174 -29.19 29.45 -15.70
C GLY D 174 -29.88 30.32 -16.73
N LEU D 175 -29.19 31.33 -17.24
CA LEU D 175 -29.70 32.18 -18.30
C LEU D 175 -29.17 31.81 -19.68
N GLY D 176 -27.96 31.28 -19.76
CA GLY D 176 -27.45 30.78 -21.03
C GLY D 176 -25.94 30.92 -21.10
N THR D 177 -25.47 31.07 -22.34
CA THR D 177 -24.06 31.13 -22.75
C THR D 177 -23.31 29.84 -22.42
N THR D 178 -22.30 29.52 -23.24
CA THR D 178 -21.45 28.37 -23.01
C THR D 178 -20.11 28.74 -22.38
N HIS D 179 -19.82 30.04 -22.26
CA HIS D 179 -18.61 30.60 -21.69
C HIS D 179 -18.77 32.12 -21.76
N PHE D 180 -18.10 32.82 -20.86
CA PHE D 180 -18.04 34.29 -20.98
C PHE D 180 -16.80 34.78 -20.25
N ALA D 181 -16.38 35.99 -20.60
CA ALA D 181 -15.14 36.58 -20.11
C ALA D 181 -15.45 37.77 -19.22
N PRO D 182 -15.59 37.56 -17.91
CA PRO D 182 -15.98 38.66 -17.03
C PRO D 182 -14.84 39.63 -16.81
N ILE D 183 -15.18 40.75 -16.17
CA ILE D 183 -14.21 41.77 -15.77
C ILE D 183 -13.91 41.58 -14.29
N VAL D 184 -12.62 41.59 -13.94
CA VAL D 184 -12.21 41.49 -12.55
C VAL D 184 -12.83 42.62 -11.74
N ASN D 185 -13.28 42.31 -10.53
CA ASN D 185 -13.90 43.29 -9.64
C ASN D 185 -12.80 43.76 -8.69
N ALA D 186 -12.35 45.01 -8.86
CA ALA D 186 -11.35 45.57 -7.98
C ALA D 186 -11.91 45.76 -6.58
N PRO D 187 -11.09 45.63 -5.52
CA PRO D 187 -9.64 45.41 -5.51
C PRO D 187 -9.24 43.94 -5.54
N GLU D 188 -10.16 43.04 -5.88
CA GLU D 188 -9.80 41.63 -6.06
C GLU D 188 -8.94 41.47 -7.32
N VAL D 189 -8.32 40.30 -7.45
CA VAL D 189 -7.41 40.03 -8.56
C VAL D 189 -7.96 39.03 -9.57
N ALA D 190 -9.05 38.33 -9.24
CA ALA D 190 -9.59 37.36 -10.19
C ALA D 190 -11.08 37.17 -9.92
N ILE D 191 -11.77 36.60 -10.91
CA ILE D 191 -13.20 36.36 -10.87
C ILE D 191 -13.48 35.11 -11.68
N LEU D 192 -14.42 34.29 -11.20
CA LEU D 192 -14.82 33.06 -11.88
C LEU D 192 -16.21 33.22 -12.47
N GLY D 193 -16.33 33.02 -13.78
CA GLY D 193 -17.63 32.95 -14.44
C GLY D 193 -18.03 31.50 -14.68
N VAL D 194 -19.34 31.24 -14.57
CA VAL D 194 -19.89 29.90 -14.75
C VAL D 194 -21.03 29.99 -15.76
N SER D 195 -21.04 29.08 -16.72
CA SER D 195 -22.04 29.04 -17.79
C SER D 195 -22.82 27.72 -17.75
N LYS D 196 -23.64 27.50 -18.78
CA LYS D 196 -24.63 26.43 -18.76
C LYS D 196 -23.96 25.07 -18.96
N SER D 197 -24.30 24.13 -18.10
CA SER D 197 -23.80 22.77 -18.25
C SER D 197 -24.48 22.08 -19.43
N ALA D 198 -23.86 21.01 -19.91
CA ALA D 198 -24.38 20.31 -21.07
C ALA D 198 -23.78 18.92 -21.12
N MET D 199 -24.63 17.93 -21.39
CA MET D 199 -24.15 16.59 -21.68
C MET D 199 -23.29 16.60 -22.94
N GLU D 200 -22.06 16.12 -22.82
CA GLU D 200 -21.13 16.09 -23.94
C GLU D 200 -20.45 14.74 -24.02
N PRO D 201 -20.05 14.31 -25.21
CA PRO D 201 -19.31 13.05 -25.34
C PRO D 201 -17.87 13.23 -24.86
N VAL D 202 -17.47 12.40 -23.90
CA VAL D 202 -16.15 12.48 -23.31
C VAL D 202 -15.41 11.16 -23.55
N TRP D 203 -14.16 11.27 -23.94
CA TRP D 203 -13.33 10.11 -24.26
C TRP D 203 -12.76 9.51 -22.97
N ASN D 204 -12.98 8.21 -22.77
CA ASN D 204 -12.40 7.53 -21.62
C ASN D 204 -11.05 6.90 -21.94
N GLY D 205 -10.74 6.70 -23.21
CA GLY D 205 -9.55 5.99 -23.62
C GLY D 205 -9.89 4.88 -24.60
N LYS D 206 -11.18 4.55 -24.68
CA LYS D 206 -11.65 3.50 -25.57
C LYS D 206 -12.91 3.93 -26.31
N GLU D 207 -13.83 4.60 -25.61
CA GLU D 207 -15.10 5.02 -26.19
C GLU D 207 -15.46 6.40 -25.66
N PHE D 208 -16.53 6.96 -26.23
CA PHE D 208 -17.05 8.26 -25.84
C PHE D 208 -18.25 8.06 -24.93
N VAL D 209 -18.19 8.65 -23.74
CA VAL D 209 -19.24 8.50 -22.74
C VAL D 209 -19.94 9.85 -22.54
N PRO D 210 -21.25 9.86 -22.26
CA PRO D 210 -21.95 11.13 -21.97
C PRO D 210 -21.70 11.58 -20.55
N ARG D 211 -21.19 12.80 -20.39
CA ARG D 211 -20.92 13.36 -19.07
C ARG D 211 -21.39 14.79 -19.02
N LEU D 212 -21.92 15.19 -17.86
CA LEU D 212 -22.34 16.56 -17.62
C LEU D 212 -21.11 17.45 -17.45
N MET D 213 -20.83 18.25 -18.47
CA MET D 213 -19.68 19.14 -18.53
C MET D 213 -20.13 20.55 -18.14
N LEU D 214 -19.48 21.14 -17.14
CA LEU D 214 -19.81 22.48 -16.70
C LEU D 214 -18.73 23.44 -17.15
N PRO D 215 -19.05 24.44 -17.98
CA PRO D 215 -18.01 25.35 -18.47
C PRO D 215 -17.77 26.48 -17.48
N ILE D 216 -16.50 26.73 -17.17
CA ILE D 216 -16.11 27.81 -16.27
C ILE D 216 -15.05 28.67 -16.94
N SER D 217 -14.99 29.93 -16.54
CA SER D 217 -14.00 30.85 -17.05
C SER D 217 -13.40 31.63 -15.88
N LEU D 218 -12.12 31.97 -16.01
CA LEU D 218 -11.39 32.70 -14.98
C LEU D 218 -10.70 33.88 -15.63
N SER D 219 -11.11 35.09 -15.24
CA SER D 219 -10.43 36.31 -15.63
C SER D 219 -9.62 36.81 -14.43
N PHE D 220 -8.41 37.28 -14.67
CA PHE D 220 -7.54 37.64 -13.57
C PHE D 220 -6.62 38.80 -13.95
N ASP D 221 -6.18 39.53 -12.93
CA ASP D 221 -5.21 40.60 -13.13
C ASP D 221 -3.87 40.01 -13.52
N HIS D 222 -3.38 40.38 -14.71
CA HIS D 222 -2.18 39.76 -15.26
C HIS D 222 -0.89 40.34 -14.70
N ARG D 223 -0.95 41.45 -13.96
CA ARG D 223 0.24 41.93 -13.25
C ARG D 223 0.57 41.05 -12.05
N VAL D 224 -0.42 40.32 -11.53
CA VAL D 224 -0.25 39.49 -10.36
C VAL D 224 -0.13 38.02 -10.72
N ILE D 225 -0.95 37.56 -11.67
CA ILE D 225 -1.05 36.14 -11.99
C ILE D 225 -0.75 35.98 -13.48
N ASP D 226 0.12 35.02 -13.81
CA ASP D 226 0.44 34.71 -15.19
C ASP D 226 -0.44 33.56 -15.68
N GLY D 227 -0.29 33.21 -16.95
CA GLY D 227 -1.08 32.13 -17.51
C GLY D 227 -0.81 30.79 -16.85
N ALA D 228 0.43 30.56 -16.42
CA ALA D 228 0.80 29.29 -15.83
C ALA D 228 0.01 29.03 -14.55
N ASP D 229 0.14 29.92 -13.57
CA ASP D 229 -0.57 29.71 -12.32
C ASP D 229 -2.06 29.94 -12.48
N GLY D 230 -2.46 30.76 -13.46
CA GLY D 230 -3.86 30.84 -13.82
C GLY D 230 -4.41 29.49 -14.23
N ALA D 231 -3.61 28.71 -14.98
CA ALA D 231 -4.04 27.38 -15.40
C ALA D 231 -4.09 26.41 -14.23
N ARG D 232 -3.16 26.53 -13.28
CA ARG D 232 -3.17 25.63 -12.13
C ARG D 232 -4.36 25.91 -11.23
N PHE D 233 -4.69 27.18 -11.05
CA PHE D 233 -5.82 27.56 -10.20
C PHE D 233 -7.12 26.97 -10.72
N ILE D 234 -7.42 27.21 -12.01
CA ILE D 234 -8.70 26.75 -12.53
C ILE D 234 -8.68 25.23 -12.67
N THR D 235 -7.49 24.64 -12.81
CA THR D 235 -7.38 23.17 -12.79
C THR D 235 -7.69 22.62 -11.41
N ILE D 236 -7.18 23.26 -10.35
CA ILE D 236 -7.54 22.83 -8.99
C ILE D 236 -9.05 22.89 -8.80
N ILE D 237 -9.65 24.04 -9.13
CA ILE D 237 -11.11 24.18 -9.06
C ILE D 237 -11.79 23.07 -9.83
N ASN D 238 -11.41 22.91 -11.10
CA ASN D 238 -11.95 21.84 -11.94
C ASN D 238 -11.86 20.49 -11.24
N ASN D 239 -10.66 20.13 -10.76
CA ASN D 239 -10.46 18.79 -10.24
C ASN D 239 -11.11 18.61 -8.86
N THR D 240 -11.16 19.65 -8.03
CA THR D 240 -11.84 19.48 -6.75
C THR D 240 -13.35 19.39 -6.94
N LEU D 241 -13.95 20.40 -7.61
CA LEU D 241 -15.39 20.40 -7.86
C LEU D 241 -15.86 19.10 -8.49
N SER D 242 -15.11 18.60 -9.47
CA SER D 242 -15.51 17.36 -10.14
C SER D 242 -15.56 16.19 -9.16
N ASP D 243 -14.68 16.19 -8.16
CA ASP D 243 -14.62 15.06 -7.23
C ASP D 243 -14.98 15.48 -5.81
N ILE D 244 -16.07 16.22 -5.66
CA ILE D 244 -16.66 16.51 -4.36
C ILE D 244 -17.85 15.58 -4.16
N ARG D 245 -17.70 14.65 -3.22
CA ARG D 245 -18.82 13.82 -2.78
C ARG D 245 -19.04 14.06 -1.29
N ARG D 246 -19.01 15.32 -0.88
CA ARG D 246 -19.02 15.71 0.52
C ARG D 246 -20.30 16.46 0.87
N LEU D 247 -20.77 16.25 2.10
CA LEU D 247 -21.93 16.93 2.66
C LEU D 247 -23.18 16.76 1.81
#